data_5VEI
# 
_entry.id   5VEI 
# 
_audit_conform.dict_name       mmcif_pdbx.dic 
_audit_conform.dict_version    5.379 
_audit_conform.dict_location   http://mmcif.pdb.org/dictionaries/ascii/mmcif_pdbx.dic 
# 
loop_
_database_2.database_id 
_database_2.database_code 
_database_2.pdbx_database_accession 
_database_2.pdbx_DOI 
PDB   5VEI         pdb_00005vei 10.2210/pdb5vei/pdb 
WWPDB D_1000227285 ?            ?                   
# 
_pdbx_database_PDB_obs_spr.id               SPRSDE 
_pdbx_database_PDB_obs_spr.date             2017-08-02 
_pdbx_database_PDB_obs_spr.pdb_id           5VEI 
_pdbx_database_PDB_obs_spr.replace_pdb_id   4IGZ 
_pdbx_database_PDB_obs_spr.details          ? 
# 
_pdbx_database_status.status_code                     REL 
_pdbx_database_status.status_code_sf                  REL 
_pdbx_database_status.status_code_mr                  ? 
_pdbx_database_status.entry_id                        5VEI 
_pdbx_database_status.recvd_initial_deposition_date   2017-04-04 
_pdbx_database_status.SG_entry                        Y 
_pdbx_database_status.deposit_site                    RCSB 
_pdbx_database_status.process_site                    RCSB 
_pdbx_database_status.status_code_cs                  ? 
_pdbx_database_status.methods_development_category    ? 
_pdbx_database_status.pdb_format_compatible           Y 
_pdbx_database_status.status_code_nmr_data            ? 
# 
loop_
_audit_author.name 
_audit_author.pdbx_ordinal 
_audit_author.identifier_ORCID 
'Liu, Y.'                              1  ? 
'Tempel, W.'                           2  ? 
'Huang, H.'                            3  ? 
'Gu, J.'                               4  ? 
'Liu, K.'                              5  ? 
'Sidhu, S.S.'                          6  ? 
'Bountra, C.'                          7  ? 
'Arrowsmith, C.H.'                     8  ? 
'Edwards, A.M.'                        9  ? 
'Min, J.'                              10 ? 
'Structural Genomics Consortium (SGC)' 11 ? 
# 
_citation.abstract                  ? 
_citation.abstract_id_CAS           ? 
_citation.book_id_ISBN              ? 
_citation.book_publisher            ? 
_citation.book_publisher_city       ? 
_citation.book_title                ? 
_citation.coordinate_linkage        ? 
_citation.country                   ? 
_citation.database_id_Medline       ? 
_citation.details                   ? 
_citation.id                        primary 
_citation.journal_abbrev            'To be Published' 
_citation.journal_id_ASTM           ? 
_citation.journal_id_CSD            0353 
_citation.journal_id_ISSN           ? 
_citation.journal_full              ? 
_citation.journal_issue             ? 
_citation.journal_volume            ? 
_citation.language                  ? 
_citation.page_first                ? 
_citation.page_last                 ? 
_citation.title                     'Crystal structure of the SH3 domain of human sorbin and SH3 domain-containing protein 2' 
_citation.year                      ? 
_citation.database_id_CSD           ? 
_citation.pdbx_database_id_DOI      ? 
_citation.pdbx_database_id_PubMed   ? 
_citation.unpublished_flag          ? 
# 
loop_
_citation_author.citation_id 
_citation_author.name 
_citation_author.ordinal 
_citation_author.identifier_ORCID 
primary 'Liu, Y.'          1  ? 
primary 'Tempel, W.'       2  ? 
primary 'Huang, H.'        3  ? 
primary 'Gu, J.'           4  ? 
primary 'Liu, K.'          5  ? 
primary 'Sidhu, S.S.'      6  ? 
primary 'Bountra, C.'      7  ? 
primary 'Arrowsmith, C.H.' 8  ? 
primary 'Edwards, A.M.'    9  ? 
primary 'Min, J.'          10 ? 
# 
_cell.entry_id           5VEI 
_cell.length_a           46.202 
_cell.length_b           27.494 
_cell.length_c           58.831 
_cell.angle_alpha        90.000 
_cell.angle_beta         101.010 
_cell.angle_gamma        90.000 
_cell.Z_PDB              4 
_cell.pdbx_unique_axis   ? 
# 
_symmetry.entry_id                         5VEI 
_symmetry.space_group_name_H-M             'I 1 2 1' 
_symmetry.Int_Tables_number                5 
_symmetry.pdbx_full_space_group_name_H-M   ? 
_symmetry.cell_setting                     ? 
# 
loop_
_entity.id 
_entity.type 
_entity.src_method 
_entity.pdbx_description 
_entity.formula_weight 
_entity.pdbx_number_of_molecules 
_entity.pdbx_ec 
_entity.pdbx_mutation 
_entity.pdbx_fragment 
_entity.details 
1 polymer     man 'Sorbin and SH3 domain-containing protein 2' 12305.836 1  ? ? 'UNP residues 215-270' ? 
2 non-polymer syn 'UNKNOWN ATOM OR ION'                        ?         27 ? ? ?                      ? 
3 water       nat water                                        18.015    21 ? ? ?                      ? 
# 
_entity_name_com.entity_id   1 
_entity_name_com.name        SORBS2 
# 
_entity_poly.entity_id                      1 
_entity_poly.type                           'polypeptide(L)' 
_entity_poly.nstd_linkage                   no 
_entity_poly.nstd_monomer                   no 
_entity_poly.pdbx_seq_one_letter_code       
;MKIEEHHHHHHSSGRENLYFQGGAAQPAMAQGALLPAKAVYDFKAQTSKELSFKKGDTVYILRKIDQNWYEGEHHGRVGI
FPISYVEKLTGSAAALRTGEAYLRYVDAAA
;
_entity_poly.pdbx_seq_one_letter_code_can   
;MKIEEHHHHHHSSGRENLYFQGGAAQPAMAQGALLPAKAVYDFKAQTSKELSFKKGDTVYILRKIDQNWYEGEHHGRVGI
FPISYVEKLTGSAAALRTGEAYLRYVDAAA
;
_entity_poly.pdbx_strand_id                 A 
_entity_poly.pdbx_target_identifier         ? 
# 
loop_
_entity_poly_seq.entity_id 
_entity_poly_seq.num 
_entity_poly_seq.mon_id 
_entity_poly_seq.hetero 
1 1   MET n 
1 2   LYS n 
1 3   ILE n 
1 4   GLU n 
1 5   GLU n 
1 6   HIS n 
1 7   HIS n 
1 8   HIS n 
1 9   HIS n 
1 10  HIS n 
1 11  HIS n 
1 12  SER n 
1 13  SER n 
1 14  GLY n 
1 15  ARG n 
1 16  GLU n 
1 17  ASN n 
1 18  LEU n 
1 19  TYR n 
1 20  PHE n 
1 21  GLN n 
1 22  GLY n 
1 23  GLY n 
1 24  ALA n 
1 25  ALA n 
1 26  GLN n 
1 27  PRO n 
1 28  ALA n 
1 29  MET n 
1 30  ALA n 
1 31  GLN n 
1 32  GLY n 
1 33  ALA n 
1 34  LEU n 
1 35  LEU n 
1 36  PRO n 
1 37  ALA n 
1 38  LYS n 
1 39  ALA n 
1 40  VAL n 
1 41  TYR n 
1 42  ASP n 
1 43  PHE n 
1 44  LYS n 
1 45  ALA n 
1 46  GLN n 
1 47  THR n 
1 48  SER n 
1 49  LYS n 
1 50  GLU n 
1 51  LEU n 
1 52  SER n 
1 53  PHE n 
1 54  LYS n 
1 55  LYS n 
1 56  GLY n 
1 57  ASP n 
1 58  THR n 
1 59  VAL n 
1 60  TYR n 
1 61  ILE n 
1 62  LEU n 
1 63  ARG n 
1 64  LYS n 
1 65  ILE n 
1 66  ASP n 
1 67  GLN n 
1 68  ASN n 
1 69  TRP n 
1 70  TYR n 
1 71  GLU n 
1 72  GLY n 
1 73  GLU n 
1 74  HIS n 
1 75  HIS n 
1 76  GLY n 
1 77  ARG n 
1 78  VAL n 
1 79  GLY n 
1 80  ILE n 
1 81  PHE n 
1 82  PRO n 
1 83  ILE n 
1 84  SER n 
1 85  TYR n 
1 86  VAL n 
1 87  GLU n 
1 88  LYS n 
1 89  LEU n 
1 90  THR n 
1 91  GLY n 
1 92  SER n 
1 93  ALA n 
1 94  ALA n 
1 95  ALA n 
1 96  LEU n 
1 97  ARG n 
1 98  THR n 
1 99  GLY n 
1 100 GLU n 
1 101 ALA n 
1 102 TYR n 
1 103 LEU n 
1 104 ARG n 
1 105 TYR n 
1 106 VAL n 
1 107 ASP n 
1 108 ALA n 
1 109 ALA n 
1 110 ALA n 
# 
_entity_src_gen.entity_id                          1 
_entity_src_gen.pdbx_src_id                        1 
_entity_src_gen.pdbx_alt_source_flag               sample 
_entity_src_gen.pdbx_seq_type                      'Biological sequence' 
_entity_src_gen.pdbx_beg_seq_num                   1 
_entity_src_gen.pdbx_end_seq_num                   110 
_entity_src_gen.gene_src_common_name               Human 
_entity_src_gen.gene_src_genus                     ? 
_entity_src_gen.pdbx_gene_src_gene                 SORBS2 
_entity_src_gen.gene_src_species                   ? 
_entity_src_gen.gene_src_strain                    ? 
_entity_src_gen.gene_src_tissue                    ? 
_entity_src_gen.gene_src_tissue_fraction           ? 
_entity_src_gen.gene_src_details                   ? 
_entity_src_gen.pdbx_gene_src_fragment             ? 
_entity_src_gen.pdbx_gene_src_scientific_name      'Homo sapiens' 
_entity_src_gen.pdbx_gene_src_ncbi_taxonomy_id     9606 
_entity_src_gen.pdbx_gene_src_variant              ? 
_entity_src_gen.pdbx_gene_src_cell_line            ? 
_entity_src_gen.pdbx_gene_src_atcc                 ? 
_entity_src_gen.pdbx_gene_src_organ                ? 
_entity_src_gen.pdbx_gene_src_organelle            ? 
_entity_src_gen.pdbx_gene_src_cell                 ? 
_entity_src_gen.pdbx_gene_src_cellular_location    ? 
_entity_src_gen.host_org_common_name               ? 
_entity_src_gen.pdbx_host_org_scientific_name      'Escherichia coli BL21(DE3)' 
_entity_src_gen.pdbx_host_org_ncbi_taxonomy_id     469008 
_entity_src_gen.host_org_genus                     ? 
_entity_src_gen.pdbx_host_org_gene                 ? 
_entity_src_gen.pdbx_host_org_organ                ? 
_entity_src_gen.host_org_species                   ? 
_entity_src_gen.pdbx_host_org_tissue               ? 
_entity_src_gen.pdbx_host_org_tissue_fraction      ? 
_entity_src_gen.pdbx_host_org_strain               'BL21(DE3)-V2R-pRARE2' 
_entity_src_gen.pdbx_host_org_variant              ? 
_entity_src_gen.pdbx_host_org_cell_line            ? 
_entity_src_gen.pdbx_host_org_atcc                 ? 
_entity_src_gen.pdbx_host_org_culture_collection   ? 
_entity_src_gen.pdbx_host_org_cell                 ? 
_entity_src_gen.pdbx_host_org_organelle            ? 
_entity_src_gen.pdbx_host_org_cellular_location    ? 
_entity_src_gen.pdbx_host_org_vector_type          plasmid 
_entity_src_gen.pdbx_host_org_vector               ? 
_entity_src_gen.host_org_details                   ? 
_entity_src_gen.expression_system_id               ? 
_entity_src_gen.plasmid_name                       'modified pHH0239/6His/TEV vector' 
_entity_src_gen.plasmid_details                    ? 
_entity_src_gen.pdbx_description                   ? 
# 
_struct_ref.id                         1 
_struct_ref.db_name                    UNP 
_struct_ref.db_code                    H7C1R7_HUMAN 
_struct_ref.pdbx_db_accession          H7C1R7 
_struct_ref.pdbx_db_isoform            ? 
_struct_ref.entity_id                  1 
_struct_ref.pdbx_seq_one_letter_code   LPAKAVYDFKAQTSKELSFKKGDTVYILRKIDQNWYEGEHHGRVGIFPISYVEKLT 
_struct_ref.pdbx_align_begin           215 
# 
_struct_ref_seq.align_id                      1 
_struct_ref_seq.ref_id                        1 
_struct_ref_seq.pdbx_PDB_id_code              5VEI 
_struct_ref_seq.pdbx_strand_id                A 
_struct_ref_seq.seq_align_beg                 35 
_struct_ref_seq.pdbx_seq_align_beg_ins_code   ? 
_struct_ref_seq.seq_align_end                 90 
_struct_ref_seq.pdbx_seq_align_end_ins_code   ? 
_struct_ref_seq.pdbx_db_accession             H7C1R7 
_struct_ref_seq.db_align_beg                  215 
_struct_ref_seq.pdbx_db_align_beg_ins_code    ? 
_struct_ref_seq.db_align_end                  270 
_struct_ref_seq.pdbx_db_align_end_ins_code    ? 
_struct_ref_seq.pdbx_auth_seq_align_beg       866 
_struct_ref_seq.pdbx_auth_seq_align_end       921 
# 
loop_
_struct_ref_seq_dif.align_id 
_struct_ref_seq_dif.pdbx_pdb_id_code 
_struct_ref_seq_dif.mon_id 
_struct_ref_seq_dif.pdbx_pdb_strand_id 
_struct_ref_seq_dif.seq_num 
_struct_ref_seq_dif.pdbx_pdb_ins_code 
_struct_ref_seq_dif.pdbx_seq_db_name 
_struct_ref_seq_dif.pdbx_seq_db_accession_code 
_struct_ref_seq_dif.db_mon_id 
_struct_ref_seq_dif.pdbx_seq_db_seq_num 
_struct_ref_seq_dif.details 
_struct_ref_seq_dif.pdbx_auth_seq_num 
_struct_ref_seq_dif.pdbx_ordinal 
1 5VEI MET A 1   ? UNP H7C1R7 ? ? 'initiating methionine' 832 1  
1 5VEI LYS A 2   ? UNP H7C1R7 ? ? 'expression tag'        833 2  
1 5VEI ILE A 3   ? UNP H7C1R7 ? ? 'expression tag'        834 3  
1 5VEI GLU A 4   ? UNP H7C1R7 ? ? 'expression tag'        835 4  
1 5VEI GLU A 5   ? UNP H7C1R7 ? ? 'expression tag'        836 5  
1 5VEI HIS A 6   ? UNP H7C1R7 ? ? 'expression tag'        837 6  
1 5VEI HIS A 7   ? UNP H7C1R7 ? ? 'expression tag'        838 7  
1 5VEI HIS A 8   ? UNP H7C1R7 ? ? 'expression tag'        839 8  
1 5VEI HIS A 9   ? UNP H7C1R7 ? ? 'expression tag'        840 9  
1 5VEI HIS A 10  ? UNP H7C1R7 ? ? 'expression tag'        841 10 
1 5VEI HIS A 11  ? UNP H7C1R7 ? ? 'expression tag'        842 11 
1 5VEI SER A 12  ? UNP H7C1R7 ? ? 'expression tag'        843 12 
1 5VEI SER A 13  ? UNP H7C1R7 ? ? 'expression tag'        844 13 
1 5VEI GLY A 14  ? UNP H7C1R7 ? ? 'expression tag'        845 14 
1 5VEI ARG A 15  ? UNP H7C1R7 ? ? 'expression tag'        846 15 
1 5VEI GLU A 16  ? UNP H7C1R7 ? ? 'expression tag'        847 16 
1 5VEI ASN A 17  ? UNP H7C1R7 ? ? 'expression tag'        848 17 
1 5VEI LEU A 18  ? UNP H7C1R7 ? ? 'expression tag'        849 18 
1 5VEI TYR A 19  ? UNP H7C1R7 ? ? 'expression tag'        850 19 
1 5VEI PHE A 20  ? UNP H7C1R7 ? ? 'expression tag'        851 20 
1 5VEI GLN A 21  ? UNP H7C1R7 ? ? 'expression tag'        852 21 
1 5VEI GLY A 22  ? UNP H7C1R7 ? ? 'expression tag'        853 22 
1 5VEI GLY A 23  ? UNP H7C1R7 ? ? 'expression tag'        854 23 
1 5VEI ALA A 24  ? UNP H7C1R7 ? ? 'expression tag'        855 24 
1 5VEI ALA A 25  ? UNP H7C1R7 ? ? 'expression tag'        856 25 
1 5VEI GLN A 26  ? UNP H7C1R7 ? ? 'expression tag'        857 26 
1 5VEI PRO A 27  ? UNP H7C1R7 ? ? 'expression tag'        858 27 
1 5VEI ALA A 28  ? UNP H7C1R7 ? ? 'expression tag'        859 28 
1 5VEI MET A 29  ? UNP H7C1R7 ? ? 'expression tag'        860 29 
1 5VEI ALA A 30  ? UNP H7C1R7 ? ? 'expression tag'        861 30 
1 5VEI GLN A 31  ? UNP H7C1R7 ? ? 'expression tag'        862 31 
1 5VEI GLY A 32  ? UNP H7C1R7 ? ? 'expression tag'        863 32 
1 5VEI ALA A 33  ? UNP H7C1R7 ? ? 'expression tag'        864 33 
1 5VEI LEU A 34  ? UNP H7C1R7 ? ? 'expression tag'        865 34 
1 5VEI GLY A 91  ? UNP H7C1R7 ? ? 'expression tag'        922 35 
1 5VEI SER A 92  ? UNP H7C1R7 ? ? 'expression tag'        923 36 
1 5VEI ALA A 93  ? UNP H7C1R7 ? ? 'expression tag'        924 37 
1 5VEI ALA A 94  ? UNP H7C1R7 ? ? 'expression tag'        925 38 
1 5VEI ALA A 95  ? UNP H7C1R7 ? ? 'expression tag'        926 39 
1 5VEI LEU A 96  ? UNP H7C1R7 ? ? 'expression tag'        927 40 
1 5VEI ARG A 97  ? UNP H7C1R7 ? ? 'expression tag'        928 41 
1 5VEI THR A 98  ? UNP H7C1R7 ? ? 'expression tag'        929 42 
1 5VEI GLY A 99  ? UNP H7C1R7 ? ? 'expression tag'        930 43 
1 5VEI GLU A 100 ? UNP H7C1R7 ? ? 'expression tag'        931 44 
1 5VEI ALA A 101 ? UNP H7C1R7 ? ? 'expression tag'        932 45 
1 5VEI TYR A 102 ? UNP H7C1R7 ? ? 'expression tag'        933 46 
1 5VEI LEU A 103 ? UNP H7C1R7 ? ? 'expression tag'        934 47 
1 5VEI ARG A 104 ? UNP H7C1R7 ? ? 'expression tag'        935 48 
1 5VEI TYR A 105 ? UNP H7C1R7 ? ? 'expression tag'        936 49 
1 5VEI VAL A 106 ? UNP H7C1R7 ? ? 'expression tag'        937 50 
1 5VEI ASP A 107 ? UNP H7C1R7 ? ? 'expression tag'        938 51 
1 5VEI ALA A 108 ? UNP H7C1R7 ? ? 'expression tag'        939 52 
1 5VEI ALA A 109 ? UNP H7C1R7 ? ? 'expression tag'        940 53 
1 5VEI ALA A 110 ? UNP H7C1R7 ? ? 'expression tag'        941 54 
# 
loop_
_chem_comp.id 
_chem_comp.type 
_chem_comp.mon_nstd_flag 
_chem_comp.name 
_chem_comp.pdbx_synonyms 
_chem_comp.formula 
_chem_comp.formula_weight 
ALA 'L-peptide linking' y ALANINE               ? 'C3 H7 N O2'     89.093  
ARG 'L-peptide linking' y ARGININE              ? 'C6 H15 N4 O2 1' 175.209 
ASN 'L-peptide linking' y ASPARAGINE            ? 'C4 H8 N2 O3'    132.118 
ASP 'L-peptide linking' y 'ASPARTIC ACID'       ? 'C4 H7 N O4'     133.103 
GLN 'L-peptide linking' y GLUTAMINE             ? 'C5 H10 N2 O3'   146.144 
GLU 'L-peptide linking' y 'GLUTAMIC ACID'       ? 'C5 H9 N O4'     147.129 
GLY 'peptide linking'   y GLYCINE               ? 'C2 H5 N O2'     75.067  
HIS 'L-peptide linking' y HISTIDINE             ? 'C6 H10 N3 O2 1' 156.162 
HOH non-polymer         . WATER                 ? 'H2 O'           18.015  
ILE 'L-peptide linking' y ISOLEUCINE            ? 'C6 H13 N O2'    131.173 
LEU 'L-peptide linking' y LEUCINE               ? 'C6 H13 N O2'    131.173 
LYS 'L-peptide linking' y LYSINE                ? 'C6 H15 N2 O2 1' 147.195 
MET 'L-peptide linking' y METHIONINE            ? 'C5 H11 N O2 S'  149.211 
PHE 'L-peptide linking' y PHENYLALANINE         ? 'C9 H11 N O2'    165.189 
PRO 'L-peptide linking' y PROLINE               ? 'C5 H9 N O2'     115.130 
SER 'L-peptide linking' y SERINE                ? 'C3 H7 N O3'     105.093 
THR 'L-peptide linking' y THREONINE             ? 'C4 H9 N O3'     119.119 
TRP 'L-peptide linking' y TRYPTOPHAN            ? 'C11 H12 N2 O2'  204.225 
TYR 'L-peptide linking' y TYROSINE              ? 'C9 H11 N O3'    181.189 
UNX non-polymer         . 'UNKNOWN ATOM OR ION' ? ?                ?       
VAL 'L-peptide linking' y VALINE                ? 'C5 H11 N O2'    117.146 
# 
_exptl.absorpt_coefficient_mu     ? 
_exptl.absorpt_correction_T_max   ? 
_exptl.absorpt_correction_T_min   ? 
_exptl.absorpt_correction_type    ? 
_exptl.absorpt_process_details    ? 
_exptl.entry_id                   5VEI 
_exptl.crystals_number            1 
_exptl.details                    ? 
_exptl.method                     'X-RAY DIFFRACTION' 
_exptl.method_details             ? 
# 
_exptl_crystal.colour                      ? 
_exptl_crystal.density_diffrn              ? 
_exptl_crystal.density_Matthews            1.49 
_exptl_crystal.density_method              ? 
_exptl_crystal.density_percent_sol         17.46 
_exptl_crystal.description                 ? 
_exptl_crystal.F_000                       ? 
_exptl_crystal.id                          1 
_exptl_crystal.preparation                 ? 
_exptl_crystal.size_max                    ? 
_exptl_crystal.size_mid                    ? 
_exptl_crystal.size_min                    ? 
_exptl_crystal.size_rad                    ? 
_exptl_crystal.colour_lustre               ? 
_exptl_crystal.colour_modifier             ? 
_exptl_crystal.colour_primary              ? 
_exptl_crystal.density_meas                ? 
_exptl_crystal.density_meas_esd            ? 
_exptl_crystal.density_meas_gt             ? 
_exptl_crystal.density_meas_lt             ? 
_exptl_crystal.density_meas_temp           ? 
_exptl_crystal.density_meas_temp_esd       ? 
_exptl_crystal.density_meas_temp_gt        ? 
_exptl_crystal.density_meas_temp_lt        ? 
_exptl_crystal.pdbx_crystal_image_url      ? 
_exptl_crystal.pdbx_crystal_image_format   ? 
_exptl_crystal.pdbx_mosaicity              ? 
_exptl_crystal.pdbx_mosaicity_esd          ? 
# 
_exptl_crystal_grow.apparatus       ? 
_exptl_crystal_grow.atmosphere      ? 
_exptl_crystal_grow.crystal_id      1 
_exptl_crystal_grow.details         ? 
_exptl_crystal_grow.method          'VAPOR DIFFUSION' 
_exptl_crystal_grow.method_ref      ? 
_exptl_crystal_grow.pH              6.5 
_exptl_crystal_grow.pressure        ? 
_exptl_crystal_grow.pressure_esd    ? 
_exptl_crystal_grow.seeding         ? 
_exptl_crystal_grow.seeding_ref     ? 
_exptl_crystal_grow.temp            291 
_exptl_crystal_grow.temp_details    ? 
_exptl_crystal_grow.temp_esd        ? 
_exptl_crystal_grow.time            ? 
_exptl_crystal_grow.pdbx_details    '28% PEG2000, 0.1 M Bis-Tris' 
_exptl_crystal_grow.pdbx_pH_range   ? 
# 
_diffrn.ambient_environment    ? 
_diffrn.ambient_temp           100 
_diffrn.ambient_temp_details   ? 
_diffrn.ambient_temp_esd       ? 
_diffrn.crystal_id             1 
_diffrn.crystal_support        ? 
_diffrn.crystal_treatment      ? 
_diffrn.details                ? 
_diffrn.id                     1 
_diffrn.ambient_pressure       ? 
_diffrn.ambient_pressure_esd   ? 
_diffrn.ambient_pressure_gt    ? 
_diffrn.ambient_pressure_lt    ? 
_diffrn.ambient_temp_gt        ? 
_diffrn.ambient_temp_lt        ? 
# 
_diffrn_detector.details                      ? 
_diffrn_detector.detector                     CCD 
_diffrn_detector.diffrn_id                    1 
_diffrn_detector.type                         'ADSC QUANTUM 315' 
_diffrn_detector.area_resol_mean              ? 
_diffrn_detector.dtime                        ? 
_diffrn_detector.pdbx_frames_total            ? 
_diffrn_detector.pdbx_collection_time_total   ? 
_diffrn_detector.pdbx_collection_date         2012-12-14 
# 
_diffrn_radiation.collimation                      ? 
_diffrn_radiation.diffrn_id                        1 
_diffrn_radiation.filter_edge                      ? 
_diffrn_radiation.inhomogeneity                    ? 
_diffrn_radiation.monochromator                    ? 
_diffrn_radiation.polarisn_norm                    ? 
_diffrn_radiation.polarisn_ratio                   ? 
_diffrn_radiation.probe                            ? 
_diffrn_radiation.type                             ? 
_diffrn_radiation.xray_symbol                      ? 
_diffrn_radiation.wavelength_id                    1 
_diffrn_radiation.pdbx_monochromatic_or_laue_m_l   M 
_diffrn_radiation.pdbx_wavelength_list             ? 
_diffrn_radiation.pdbx_wavelength                  ? 
_diffrn_radiation.pdbx_diffrn_protocol             'SINGLE WAVELENGTH' 
_diffrn_radiation.pdbx_analyzer                    ? 
_diffrn_radiation.pdbx_scattering_type             x-ray 
# 
_diffrn_radiation_wavelength.id           1 
_diffrn_radiation_wavelength.wavelength   0.97911 
_diffrn_radiation_wavelength.wt           1.0 
# 
_diffrn_source.current                     ? 
_diffrn_source.details                     ? 
_diffrn_source.diffrn_id                   1 
_diffrn_source.power                       ? 
_diffrn_source.size                        ? 
_diffrn_source.source                      SYNCHROTRON 
_diffrn_source.target                      ? 
_diffrn_source.type                        'APS BEAMLINE 19-ID' 
_diffrn_source.voltage                     ? 
_diffrn_source.take-off_angle              ? 
_diffrn_source.pdbx_wavelength_list        0.97911 
_diffrn_source.pdbx_wavelength             ? 
_diffrn_source.pdbx_synchrotron_beamline   19-ID 
_diffrn_source.pdbx_synchrotron_site       APS 
# 
_reflns.entry_id                     5VEI 
_reflns.pdbx_diffrn_id               1 
_reflns.pdbx_ordinal                 1 
_reflns.observed_criterion_sigma_I   ? 
_reflns.observed_criterion_sigma_F   ? 
_reflns.d_resolution_low             39.520 
_reflns.d_resolution_high            1.330 
_reflns.number_obs                   16870 
_reflns.number_all                   ? 
_reflns.percent_possible_obs         99.700 
_reflns.pdbx_Rmerge_I_obs            0.046 
_reflns.pdbx_Rsym_value              ? 
_reflns.pdbx_netI_over_sigmaI        14.800 
_reflns.B_iso_Wilson_estimate        16.150 
_reflns.pdbx_redundancy              3.600 
_reflns.pdbx_Rrim_I_all              0.055 
_reflns.pdbx_Rpim_I_all              0.029 
_reflns.pdbx_CC_half                 0.999 
_reflns.pdbx_netI_over_av_sigmaI     ? 
_reflns.pdbx_number_measured_all     60287 
_reflns.pdbx_scaling_rejects         0 
_reflns.pdbx_chi_squared             ? 
_reflns.Rmerge_F_all                 ? 
_reflns.Rmerge_F_obs                 ? 
_reflns.observed_criterion_F_max     ? 
_reflns.observed_criterion_F_min     ? 
_reflns.observed_criterion_I_max     ? 
_reflns.observed_criterion_I_min     ? 
_reflns.pdbx_d_res_high_opt          ? 
_reflns.pdbx_d_res_low_opt           ? 
_reflns.details                      ? 
# 
loop_
_reflns_shell.pdbx_diffrn_id 
_reflns_shell.pdbx_ordinal 
_reflns_shell.d_res_high 
_reflns_shell.d_res_low 
_reflns_shell.number_measured_obs 
_reflns_shell.number_measured_all 
_reflns_shell.number_unique_obs 
_reflns_shell.pdbx_rejects 
_reflns_shell.Rmerge_I_obs 
_reflns_shell.meanI_over_sigI_obs 
_reflns_shell.pdbx_Rsym_value 
_reflns_shell.pdbx_chi_squared 
_reflns_shell.pdbx_redundancy 
_reflns_shell.percent_possible_obs 
_reflns_shell.pdbx_netI_over_sigmaI_obs 
_reflns_shell.number_possible 
_reflns_shell.number_unique_all 
_reflns_shell.Rmerge_F_all 
_reflns_shell.Rmerge_F_obs 
_reflns_shell.Rmerge_I_all 
_reflns_shell.meanI_over_sigI_all 
_reflns_shell.percent_possible_all 
_reflns_shell.pdbx_Rrim_I_all 
_reflns_shell.pdbx_Rpim_I_all 
_reflns_shell.pdbx_CC_half 
1 1 1.330 1.350  ? 3042 ? ? 1.208 ? ? ? 3.600 ? 1.100  ? 846 ? ? ? ? 99.800 1.423 0.744 0.494 
1 2 7.280 39.520 ? 311  ? ? 0.016 ? ? ? 3.000 ? 46.700 ? 105 ? ? ? ? 92.700 0.019 0.011 0.999 
# 
_refine.entry_id                                 5VEI 
_refine.pdbx_refine_id                           'X-RAY DIFFRACTION' 
_refine.ls_d_res_high                            1.3300 
_refine.ls_d_res_low                             12.6200 
_refine.pdbx_ls_sigma_F                          0.000 
_refine.pdbx_data_cutoff_high_absF               ? 
_refine.pdbx_data_cutoff_low_absF                ? 
_refine.ls_percent_reflns_obs                    99.7000 
_refine.ls_number_reflns_obs                     16850 
_refine.ls_number_reflns_all                     ? 
_refine.pdbx_ls_cross_valid_method               THROUGHOUT 
_refine.ls_matrix_type                           ? 
_refine.pdbx_R_Free_selection_details            ? 
_refine.details                                  ? 
_refine.ls_R_factor_all                          ? 
_refine.ls_R_factor_obs                          0.1860 
_refine.ls_R_factor_R_work                       0.1850 
_refine.ls_wR_factor_R_work                      ? 
_refine.ls_R_factor_R_free                       0.2060 
_refine.ls_wR_factor_R_free                      ? 
_refine.ls_percent_reflns_R_free                 4.8500 
_refine.ls_number_reflns_R_free                  818 
_refine.ls_number_reflns_R_work                  ? 
_refine.ls_R_factor_R_free_error                 0.0000 
_refine.B_iso_mean                               20.7000 
_refine.solvent_model_param_bsol                 ? 
_refine.solvent_model_param_ksol                 ? 
_refine.pdbx_isotropic_thermal_model             ? 
_refine.aniso_B[1][1]                            3.8751 
_refine.aniso_B[2][2]                            3.9683 
_refine.aniso_B[3][3]                            -7.8433 
_refine.aniso_B[1][2]                            0.0000 
_refine.aniso_B[1][3]                            -3.6899 
_refine.aniso_B[2][3]                            0.0000 
_refine.correlation_coeff_Fo_to_Fc               0.9500 
_refine.correlation_coeff_Fo_to_Fc_free          0.9270 
_refine.overall_SU_R_Cruickshank_DPI             0.0550 
_refine.pdbx_overall_SU_R_free_Cruickshank_DPI   0.0560 
_refine.pdbx_overall_SU_R_Blow_DPI               0.0540 
_refine.pdbx_overall_SU_R_free_Blow_DPI          0.0550 
_refine.overall_SU_R_free                        ? 
_refine.pdbx_overall_ESU_R                       ? 
_refine.pdbx_overall_ESU_R_Free                  ? 
_refine.overall_SU_ML                            ? 
_refine.overall_SU_B                             ? 
_refine.solvent_model_details                    ? 
_refine.pdbx_solvent_vdw_probe_radii             ? 
_refine.pdbx_solvent_ion_probe_radii             ? 
_refine.pdbx_solvent_shrinkage_radii             ? 
_refine.ls_number_parameters                     ? 
_refine.ls_number_restraints                     ? 
_refine.pdbx_starting_model                      'PDB entry 3C0C' 
_refine.pdbx_method_to_determine_struct          'MOLECULAR REPLACEMENT' 
_refine.pdbx_stereochemistry_target_values       ? 
_refine.pdbx_stereochem_target_val_spec_case     ? 
_refine.overall_FOM_work_R_set                   ? 
_refine.B_iso_max                                59.200 
_refine.B_iso_min                                10.100 
_refine.pdbx_overall_phase_error                 ? 
_refine.occupancy_max                            ? 
_refine.occupancy_min                            ? 
_refine.pdbx_diffrn_id                           1 
_refine.pdbx_TLS_residual_ADP_flag               ? 
_refine.pdbx_ls_sigma_I                          ? 
_refine.pdbx_data_cutoff_high_rms_absF           ? 
_refine.ls_R_factor_R_free_error_details         ? 
# 
_refine_analyze.entry_id                        5VEI 
_refine_analyze.pdbx_refine_id                  'X-RAY DIFFRACTION' 
_refine_analyze.Luzzati_coordinate_error_obs    0.200 
_refine_analyze.Luzzati_sigma_a_obs             ? 
_refine_analyze.Luzzati_d_res_low_obs           ? 
_refine_analyze.Luzzati_coordinate_error_free   ? 
_refine_analyze.Luzzati_sigma_a_free            ? 
_refine_analyze.Luzzati_d_res_low_free          ? 
_refine_analyze.number_disordered_residues      ? 
_refine_analyze.occupancy_sum_hydrogen          ? 
_refine_analyze.occupancy_sum_non_hydrogen      ? 
# 
_refine_hist.cycle_id                         final 
_refine_hist.pdbx_refine_id                   'X-RAY DIFFRACTION' 
_refine_hist.d_res_high                       1.3300 
_refine_hist.d_res_low                        12.6200 
_refine_hist.pdbx_number_atoms_ligand         27 
_refine_hist.number_atoms_solvent             22 
_refine_hist.number_atoms_total               657 
_refine_hist.pdbx_number_residues_total       80 
_refine_hist.pdbx_B_iso_mean_ligand           28.24 
_refine_hist.pdbx_B_iso_mean_solvent          29.14 
_refine_hist.pdbx_number_atoms_protein        608 
_refine_hist.pdbx_number_atoms_nucleic_acid   0 
# 
loop_
_refine_ls_restr.pdbx_refine_id 
_refine_ls_restr.type 
_refine_ls_restr.number 
_refine_ls_restr.dev_ideal 
_refine_ls_restr.dev_ideal_target 
_refine_ls_restr.weight 
_refine_ls_restr.pdbx_restraint_function 
'X-RAY DIFFRACTION' t_dihedral_angle_d        224 ?      ? 2.000  SINUSOIDAL   
'X-RAY DIFFRACTION' t_trig_c_planes           12  ?      ? 2.000  HARMONIC     
'X-RAY DIFFRACTION' t_gen_planes              105 ?      ? 5.000  HARMONIC     
'X-RAY DIFFRACTION' t_it                      669 ?      ? 20.000 HARMONIC     
'X-RAY DIFFRACTION' t_nbd                     ?   ?      ? ?      ?            
'X-RAY DIFFRACTION' t_improper_torsion        ?   ?      ? ?      ?            
'X-RAY DIFFRACTION' t_pseud_angle             ?   ?      ? ?      ?            
'X-RAY DIFFRACTION' t_chiral_improper_torsion 87  ?      ? 5.000  SEMIHARMONIC 
'X-RAY DIFFRACTION' t_sum_occupancies         ?   ?      ? ?      ?            
'X-RAY DIFFRACTION' t_utility_distance        ?   ?      ? ?      ?            
'X-RAY DIFFRACTION' t_utility_angle           ?   ?      ? ?      ?            
'X-RAY DIFFRACTION' t_utility_torsion         ?   ?      ? ?      ?            
'X-RAY DIFFRACTION' t_ideal_dist_contact      787 ?      ? 4.000  SEMIHARMONIC 
'X-RAY DIFFRACTION' t_bond_d                  669 0.010  ? 2.000  HARMONIC     
'X-RAY DIFFRACTION' t_angle_deg               914 1.080  ? 2.000  HARMONIC     
'X-RAY DIFFRACTION' t_omega_torsion           ?   4.520  ? ?      ?            
'X-RAY DIFFRACTION' t_other_torsion           ?   13.740 ? ?      ?            
# 
_refine_ls_shell.d_res_high                       1.3300 
_refine_ls_shell.d_res_low                        1.4200 
_refine_ls_shell.pdbx_total_number_of_bins_used   8 
_refine_ls_shell.percent_reflns_obs               99.6700 
_refine_ls_shell.number_reflns_R_work             2881 
_refine_ls_shell.R_factor_all                     ? 
_refine_ls_shell.R_factor_R_work                  0.2230 
_refine_ls_shell.R_factor_R_free                  0.2260 
_refine_ls_shell.percent_reflns_R_free            4.9800 
_refine_ls_shell.number_reflns_R_free             151 
_refine_ls_shell.R_factor_R_free_error            ? 
_refine_ls_shell.number_reflns_all                3032 
_refine_ls_shell.number_reflns_obs                ? 
_refine_ls_shell.pdbx_refine_id                   'X-RAY DIFFRACTION' 
# 
_struct.entry_id                     5VEI 
_struct.title                        'Crystal structure of the SH3 domain of human sorbin and SH3 domain-containing protein 2' 
_struct.pdbx_model_details           ? 
_struct.pdbx_formula_weight          ? 
_struct.pdbx_formula_weight_method   ? 
_struct.pdbx_model_type_details      ? 
_struct.pdbx_CASP_flag               N 
# 
_struct_keywords.entry_id        5VEI 
_struct_keywords.text            'Structural Genomics Consortium, SGC, SH3, Src Homology 3 domain, PROTEIN BINDING' 
_struct_keywords.pdbx_keywords   'PROTEIN BINDING' 
# 
loop_
_struct_asym.id 
_struct_asym.pdbx_blank_PDB_chainid_flag 
_struct_asym.pdbx_modified 
_struct_asym.entity_id 
_struct_asym.details 
A  N N 1 ? 
B  N N 2 ? 
C  N N 2 ? 
D  N N 2 ? 
E  N N 2 ? 
F  N N 2 ? 
G  N N 2 ? 
H  N N 2 ? 
I  N N 2 ? 
J  N N 2 ? 
K  N N 2 ? 
L  N N 2 ? 
M  N N 2 ? 
N  N N 2 ? 
O  N N 2 ? 
P  N N 2 ? 
Q  N N 2 ? 
R  N N 2 ? 
S  N N 2 ? 
T  N N 2 ? 
U  N N 2 ? 
V  N N 2 ? 
W  N N 2 ? 
X  N N 2 ? 
Y  N N 2 ? 
Z  N N 2 ? 
AA N N 2 ? 
BA N N 2 ? 
CA N N 3 ? 
# 
loop_
_struct_conf.conf_type_id 
_struct_conf.id 
_struct_conf.pdbx_PDB_helix_id 
_struct_conf.beg_label_comp_id 
_struct_conf.beg_label_asym_id 
_struct_conf.beg_label_seq_id 
_struct_conf.pdbx_beg_PDB_ins_code 
_struct_conf.end_label_comp_id 
_struct_conf.end_label_asym_id 
_struct_conf.end_label_seq_id 
_struct_conf.pdbx_end_PDB_ins_code 
_struct_conf.beg_auth_comp_id 
_struct_conf.beg_auth_asym_id 
_struct_conf.beg_auth_seq_id 
_struct_conf.end_auth_comp_id 
_struct_conf.end_auth_asym_id 
_struct_conf.end_auth_seq_id 
_struct_conf.pdbx_PDB_helix_class 
_struct_conf.details 
_struct_conf.pdbx_PDB_helix_length 
HELX_P HELX_P1 AA1 SER A 92 ? ARG A 97  ? SER A 923 ARG A 928 5 ? 6 
HELX_P HELX_P2 AA2 GLY A 99 ? VAL A 106 ? GLY A 930 VAL A 937 1 ? 8 
# 
_struct_conf_type.id          HELX_P 
_struct_conf_type.criteria    ? 
_struct_conf_type.reference   ? 
# 
_struct_sheet.id               AA1 
_struct_sheet.type             ? 
_struct_sheet.number_strands   5 
_struct_sheet.details          ? 
# 
loop_
_struct_sheet_order.sheet_id 
_struct_sheet_order.range_id_1 
_struct_sheet_order.range_id_2 
_struct_sheet_order.offset 
_struct_sheet_order.sense 
AA1 1 2 ? anti-parallel 
AA1 2 3 ? anti-parallel 
AA1 3 4 ? anti-parallel 
AA1 4 5 ? anti-parallel 
# 
loop_
_struct_sheet_range.sheet_id 
_struct_sheet_range.id 
_struct_sheet_range.beg_label_comp_id 
_struct_sheet_range.beg_label_asym_id 
_struct_sheet_range.beg_label_seq_id 
_struct_sheet_range.pdbx_beg_PDB_ins_code 
_struct_sheet_range.end_label_comp_id 
_struct_sheet_range.end_label_asym_id 
_struct_sheet_range.end_label_seq_id 
_struct_sheet_range.pdbx_end_PDB_ins_code 
_struct_sheet_range.beg_auth_comp_id 
_struct_sheet_range.beg_auth_asym_id 
_struct_sheet_range.beg_auth_seq_id 
_struct_sheet_range.end_auth_comp_id 
_struct_sheet_range.end_auth_asym_id 
_struct_sheet_range.end_auth_seq_id 
AA1 1 ARG A 77 ? PRO A 82 ? ARG A 908 PRO A 913 
AA1 2 TRP A 69 ? HIS A 74 ? TRP A 900 HIS A 905 
AA1 3 THR A 58 ? LYS A 64 ? THR A 889 LYS A 895 
AA1 4 LEU A 35 ? ALA A 39 ? LEU A 866 ALA A 870 
AA1 5 VAL A 86 ? LYS A 88 ? VAL A 917 LYS A 919 
# 
loop_
_pdbx_struct_sheet_hbond.sheet_id 
_pdbx_struct_sheet_hbond.range_id_1 
_pdbx_struct_sheet_hbond.range_id_2 
_pdbx_struct_sheet_hbond.range_1_label_atom_id 
_pdbx_struct_sheet_hbond.range_1_label_comp_id 
_pdbx_struct_sheet_hbond.range_1_label_asym_id 
_pdbx_struct_sheet_hbond.range_1_label_seq_id 
_pdbx_struct_sheet_hbond.range_1_PDB_ins_code 
_pdbx_struct_sheet_hbond.range_1_auth_atom_id 
_pdbx_struct_sheet_hbond.range_1_auth_comp_id 
_pdbx_struct_sheet_hbond.range_1_auth_asym_id 
_pdbx_struct_sheet_hbond.range_1_auth_seq_id 
_pdbx_struct_sheet_hbond.range_2_label_atom_id 
_pdbx_struct_sheet_hbond.range_2_label_comp_id 
_pdbx_struct_sheet_hbond.range_2_label_asym_id 
_pdbx_struct_sheet_hbond.range_2_label_seq_id 
_pdbx_struct_sheet_hbond.range_2_PDB_ins_code 
_pdbx_struct_sheet_hbond.range_2_auth_atom_id 
_pdbx_struct_sheet_hbond.range_2_auth_comp_id 
_pdbx_struct_sheet_hbond.range_2_auth_asym_id 
_pdbx_struct_sheet_hbond.range_2_auth_seq_id 
AA1 1 2 O PHE A 81 ? O PHE A 912 N TYR A 70 ? N TYR A 901 
AA1 2 3 O GLU A 71 ? O GLU A 902 N ARG A 63 ? N ARG A 894 
AA1 3 4 O ILE A 61 ? O ILE A 892 N LEU A 35 ? N LEU A 866 
AA1 4 5 N LYS A 38 ? N LYS A 869 O GLU A 87 ? O GLU A 918 
# 
_atom_sites.entry_id                    5VEI 
_atom_sites.fract_transf_matrix[1][1]   -0.01915733 
_atom_sites.fract_transf_matrix[1][2]   -0.00059845 
_atom_sites.fract_transf_matrix[1][3]   -0.01090109 
_atom_sites.fract_transf_matrix[2][1]   -0.00186536 
_atom_sites.fract_transf_matrix[2][2]   0.03630139 
_atom_sites.fract_transf_matrix[2][3]   0.00128527 
_atom_sites.fract_transf_matrix[3][1]   0.00549775 
_atom_sites.fract_transf_matrix[3][2]   0.00086310 
_atom_sites.fract_transf_matrix[3][3]   -0.01639842 
_atom_sites.fract_transf_vector[1]      0.726987 
_atom_sites.fract_transf_vector[2]      0.108905 
_atom_sites.fract_transf_vector[3]      0.232392 
# 
loop_
_atom_type.symbol 
C 
N 
O 
X 
# 
loop_
_atom_site.group_PDB 
_atom_site.id 
_atom_site.type_symbol 
_atom_site.label_atom_id 
_atom_site.label_alt_id 
_atom_site.label_comp_id 
_atom_site.label_asym_id 
_atom_site.label_entity_id 
_atom_site.label_seq_id 
_atom_site.pdbx_PDB_ins_code 
_atom_site.Cartn_x 
_atom_site.Cartn_y 
_atom_site.Cartn_z 
_atom_site.occupancy 
_atom_site.B_iso_or_equiv 
_atom_site.pdbx_formal_charge 
_atom_site.auth_seq_id 
_atom_site.auth_comp_id 
_atom_site.auth_asym_id 
_atom_site.auth_atom_id 
_atom_site.pdbx_PDB_model_num 
ATOM   1   C CA  A GLN A  1 31  ? -6.679  -5.193  15.643  0.50 26.08 ? 862  GLN A CA  1 
ATOM   2   C C   A GLN A  1 31  ? -5.205  -5.504  15.872  0.50 30.22 ? 862  GLN A C   1 
ATOM   3   O O   A GLN A  1 31  ? -4.858  -6.663  16.098  0.50 30.02 ? 862  GLN A O   1 
ATOM   4   N N   A GLY A  1 32  ? -4.362  -4.467  15.810  0.50 26.96 ? 863  GLY A N   1 
ATOM   5   C CA  A GLY A  1 32  ? -2.923  -4.575  16.026  0.50 27.32 ? 863  GLY A CA  1 
ATOM   6   C C   A GLY A  1 32  ? -2.112  -5.090  14.853  0.50 32.57 ? 863  GLY A C   1 
ATOM   7   O O   A GLY A  1 32  ? -0.903  -5.313  14.979  0.50 31.60 ? 863  GLY A O   1 
ATOM   8   N N   . ALA A  1 33  ? -2.760  -5.277  13.699  1.00 31.47 ? 864  ALA A N   1 
ATOM   9   C CA  . ALA A  1 33  ? -2.088  -5.798  12.520  1.00 31.44 ? 864  ALA A CA  1 
ATOM   10  C C   . ALA A  1 33  ? -1.273  -4.711  11.826  1.00 31.81 ? 864  ALA A C   1 
ATOM   11  O O   . ALA A  1 33  ? -1.545  -3.519  12.018  1.00 31.52 ? 864  ALA A O   1 
ATOM   12  C CB  . ALA A  1 33  ? -3.117  -6.383  11.558  1.00 32.79 ? 864  ALA A CB  1 
ATOM   13  N N   . LEU A  1 34  ? -0.256  -5.124  11.027  1.00 25.20 ? 865  LEU A N   1 
ATOM   14  C CA  . LEU A  1 34  ? 0.497   -4.226  10.144  1.00 23.73 ? 865  LEU A CA  1 
ATOM   15  C C   . LEU A  1 34  ? -0.528  -3.689  9.139   1.00 24.33 ? 865  LEU A C   1 
ATOM   16  O O   . LEU A  1 34  ? -1.420  -4.435  8.693   1.00 23.67 ? 865  LEU A O   1 
ATOM   17  C CB  . LEU A  1 34  ? 1.563   -4.996  9.356   1.00 24.67 ? 865  LEU A CB  1 
ATOM   18  C CG  . LEU A  1 34  ? 2.822   -5.485  10.095  1.00 31.03 ? 865  LEU A CG  1 
ATOM   19  C CD1 . LEU A  1 34  ? 3.626   -6.429  9.199   1.00 32.18 ? 865  LEU A CD1 1 
ATOM   20  C CD2 . LEU A  1 34  ? 3.741   -4.327  10.465  1.00 35.15 ? 865  LEU A CD2 1 
ATOM   21  N N   . LEU A  1 35  ? -0.441  -2.398  8.808   1.00 20.03 ? 866  LEU A N   1 
ATOM   22  C CA  . LEU A  1 35  ? -1.405  -1.767  7.903   1.00 18.94 ? 866  LEU A CA  1 
ATOM   23  C C   . LEU A  1 35  ? -0.968  -1.864  6.439   1.00 21.81 ? 866  LEU A C   1 
ATOM   24  O O   . LEU A  1 35  ? 0.067   -1.287  6.098   1.00 17.98 ? 866  LEU A O   1 
ATOM   25  C CB  . LEU A  1 35  ? -1.700  -0.317  8.329   1.00 19.75 ? 866  LEU A CB  1 
ATOM   26  C CG  . LEU A  1 35  ? -2.037  -0.113  9.822   1.00 25.43 ? 866  LEU A CG  1 
ATOM   27  C CD1 . LEU A  1 35  ? -1.997  1.357   10.213  1.00 26.29 ? 866  LEU A CD1 1 
ATOM   28  C CD2 . LEU A  1 35  ? -3.388  -0.744  10.185  1.00 28.16 ? 866  LEU A CD2 1 
ATOM   29  N N   . PRO A  1 36  ? -1.703  -2.543  5.536   1.00 16.80 ? 867  PRO A N   1 
ATOM   30  C CA  . PRO A  1 36  ? -1.256  -2.614  4.140   1.00 17.26 ? 867  PRO A CA  1 
ATOM   31  C C   . PRO A  1 36  ? -1.262  -1.251  3.476   1.00 18.22 ? 867  PRO A C   1 
ATOM   32  O O   . PRO A  1 36  ? -2.138  -0.419  3.755   1.00 17.19 ? 867  PRO A O   1 
ATOM   33  C CB  . PRO A  1 36  ? -2.270  -3.560  3.471   1.00 19.86 ? 867  PRO A CB  1 
ATOM   34  C CG  . PRO A  1 36  ? -2.921  -4.282  4.583   1.00 22.21 ? 867  PRO A CG  1 
ATOM   35  C CD  . PRO A  1 36  ? -2.936  -3.340  5.746   1.00 17.48 ? 867  PRO A CD  1 
ATOM   36  N N   . ALA A  1 37  ? -0.290  -1.033  2.598   1.00 16.33 ? 868  ALA A N   1 
ATOM   37  C CA  . ALA A  1 37  ? -0.170  0.181   1.816   1.00 15.89 ? 868  ALA A CA  1 
ATOM   38  C C   . ALA A  1 37  ? 0.383   -0.135  0.463   1.00 18.51 ? 868  ALA A C   1 
ATOM   39  O O   . ALA A  1 37  ? 0.954   -1.204  0.273   1.00 21.23 ? 868  ALA A O   1 
ATOM   40  C CB  . ALA A  1 37  ? 0.718   1.205   2.535   1.00 16.80 ? 868  ALA A CB  1 
ATOM   41  N N   . LYS A  1 38  ? 0.258   0.796   -0.509  1.00 16.87 ? 869  LYS A N   1 
ATOM   42  C CA  . LYS A  1 38  ? 0.824   0.620   -1.824  1.00 15.69 ? 869  LYS A CA  1 
ATOM   43  C C   . LYS A  1 38  ? 1.850   1.750   -2.071  1.00 17.12 ? 869  LYS A C   1 
ATOM   44  O O   . LYS A  1 38  ? 1.566   2.918   -1.728  1.00 17.87 ? 869  LYS A O   1 
ATOM   45  C CB  . LYS A  1 38  ? -0.284  0.665   -2.903  1.00 21.58 ? 869  LYS A CB  1 
ATOM   46  C CG  . LYS A  1 38  ? 0.198   0.434   -4.343  1.00 34.54 ? 869  LYS A CG  1 
ATOM   47  C CD  . LYS A  1 38  ? -0.924  0.636   -5.393  1.00 40.28 ? 869  LYS A CD  1 
ATOM   48  C CE  . LYS A  1 38  ? -1.223  2.086   -5.715  1.00 52.03 ? 869  LYS A CE  1 
ATOM   49  N N   . ALA A  1 39  ? 2.996   1.430   -2.678  1.00 16.39 ? 870  ALA A N   1 
ATOM   50  C CA  . ALA A  1 39  ? 3.996   2.441   -3.004  1.00 16.41 ? 870  ALA A CA  1 
ATOM   51  C C   . ALA A  1 39  ? 3.493   3.328   -4.145  1.00 18.55 ? 870  ALA A C   1 
ATOM   52  O O   . ALA A  1 39  ? 3.049   2.809   -5.181  1.00 18.62 ? 870  ALA A O   1 
ATOM   53  C CB  . ALA A  1 39  ? 5.287   1.774   -3.409  1.00 17.30 ? 870  ALA A CB  1 
ATOM   54  N N   . VAL A  1 40  ? 3.541   4.642   -3.956  1.00 15.85 ? 871  VAL A N   1 
ATOM   55  C CA  . VAL A  1 40  ? 3.112   5.604   -4.988  1.00 17.60 ? 871  VAL A CA  1 
ATOM   56  C C   . VAL A  1 40  ? 4.297   6.064   -5.820  1.00 20.81 ? 871  VAL A C   1 
ATOM   57  O O   . VAL A  1 40  ? 4.128   6.554   -6.940  1.00 21.59 ? 871  VAL A O   1 
ATOM   58  C CB  . VAL A  1 40  ? 2.270   6.785   -4.422  1.00 22.60 ? 871  VAL A CB  1 
ATOM   59  C CG1 . VAL A  1 40  ? 1.107   6.293   -3.576  1.00 22.28 ? 871  VAL A CG1 1 
ATOM   60  C CG2 . VAL A  1 40  ? 3.101   7.797   -3.658  1.00 22.48 ? 871  VAL A CG2 1 
ATOM   61  N N   . TYR A  1 41  ? 5.522   5.845   -5.303  1.00 16.32 ? 872  TYR A N   1 
ATOM   62  C CA  . TYR A  1 41  ? 6.760   6.136   -6.004  1.00 17.64 ? 872  TYR A CA  1 
ATOM   63  C C   . TYR A  1 41  ? 7.765   5.040   -5.680  1.00 20.19 ? 872  TYR A C   1 
ATOM   64  O O   . TYR A  1 41  ? 7.680   4.407   -4.616  1.00 20.27 ? 872  TYR A O   1 
ATOM   65  C CB  . TYR A  1 41  ? 7.416   7.430   -5.491  1.00 18.44 ? 872  TYR A CB  1 
ATOM   66  C CG  . TYR A  1 41  ? 6.621   8.700   -5.683  1.00 19.43 ? 872  TYR A CG  1 
ATOM   67  C CD1 . TYR A  1 41  ? 6.253   9.132   -6.959  1.00 21.31 ? 872  TYR A CD1 1 
ATOM   68  C CD2 . TYR A  1 41  ? 6.302   9.511   -4.600  1.00 20.41 ? 872  TYR A CD2 1 
ATOM   69  C CE1 . TYR A  1 41  ? 5.532   10.316  -7.138  1.00 22.41 ? 872  TYR A CE1 1 
ATOM   70  C CE2 . TYR A  1 41  ? 5.605   10.703  -4.771  1.00 20.97 ? 872  TYR A CE2 1 
ATOM   71  C CZ  . TYR A  1 41  ? 5.227   11.102  -6.038  1.00 23.26 ? 872  TYR A CZ  1 
ATOM   72  O OH  . TYR A  1 41  ? 4.559   12.289  -6.193  1.00 24.43 ? 872  TYR A OH  1 
ATOM   73  N N   . ASP A  1 42  ? 8.777   4.903   -6.541  1.00 18.38 ? 873  ASP A N   1 
ATOM   74  C CA  . ASP A  1 42  ? 9.949   4.090   -6.263  1.00 18.60 ? 873  ASP A CA  1 
ATOM   75  C C   . ASP A  1 42  ? 10.679  4.763   -5.081  1.00 19.63 ? 873  ASP A C   1 
ATOM   76  O O   . ASP A  1 42  ? 10.697  6.014   -4.968  1.00 19.24 ? 873  ASP A O   1 
ATOM   77  C CB  . ASP A  1 42  ? 10.917  4.129   -7.457  1.00 20.12 ? 873  ASP A CB  1 
ATOM   78  C CG  . ASP A  1 42  ? 10.473  3.358   -8.680  1.00 25.70 ? 873  ASP A CG  1 
ATOM   79  O OD1 . ASP A  1 42  ? 9.446   2.648   -8.598  1.00 23.92 ? 873  ASP A OD1 1 
ATOM   80  O OD2 . ASP A  1 42  ? 11.200  3.404   -9.696  1.00 31.78 ? 873  ASP A OD2 1 
ATOM   81  N N   . PHE A  1 43  ? 11.298  3.937   -4.212  1.00 16.04 ? 874  PHE A N   1 
ATOM   82  C CA  . PHE A  1 43  ? 12.103  4.426   -3.094  1.00 15.62 ? 874  PHE A CA  1 
ATOM   83  C C   . PHE A  1 43  ? 13.361  3.597   -3.044  1.00 18.44 ? 874  PHE A C   1 
ATOM   84  O O   . PHE A  1 43  ? 13.260  2.376   -2.949  1.00 19.02 ? 874  PHE A O   1 
ATOM   85  C CB  . PHE A  1 43  ? 11.343  4.387   -1.748  1.00 15.30 ? 874  PHE A CB  1 
ATOM   86  C CG  . PHE A  1 43  ? 12.175  4.894   -0.592  1.00 13.53 ? 874  PHE A CG  1 
ATOM   87  C CD1 . PHE A  1 43  ? 12.645  6.201   -0.568  1.00 14.87 ? 874  PHE A CD1 1 
ATOM   88  C CD2 . PHE A  1 43  ? 12.475  4.064   0.472   1.00 14.82 ? 874  PHE A CD2 1 
ATOM   89  C CE1 . PHE A  1 43  ? 13.490  6.629   0.461   1.00 16.10 ? 874  PHE A CE1 1 
ATOM   90  C CE2 . PHE A  1 43  ? 13.298  4.487   1.502   1.00 15.28 ? 874  PHE A CE2 1 
ATOM   91  C CZ  . PHE A  1 43  ? 13.794  5.770   1.497   1.00 15.03 ? 874  PHE A CZ  1 
ATOM   92  N N   . LYS A  1 44  ? 14.510  4.238   -3.148  1.00 18.41 ? 875  LYS A N   1 
ATOM   93  C CA  . LYS A  1 44  ? 15.799  3.572   -3.128  1.00 18.79 ? 875  LYS A CA  1 
ATOM   94  C C   . LYS A  1 44  ? 16.463  3.810   -1.772  1.00 18.99 ? 875  LYS A C   1 
ATOM   95  O O   . LYS A  1 44  ? 16.797  4.944   -1.455  1.00 19.21 ? 875  LYS A O   1 
ATOM   96  C CB  . LYS A  1 44  ? 16.688  4.131   -4.260  1.00 21.98 ? 875  LYS A CB  1 
ATOM   97  C CG  . LYS A  1 44  ? 17.919  3.284   -4.544  1.00 37.67 ? 875  LYS A CG  1 
ATOM   98  N N   . ALA A  1 45  ? 16.617  2.748   -0.973  1.00 17.26 ? 876  ALA A N   1 
ATOM   99  C CA  . ALA A  1 45  ? 17.279  2.857   0.331   1.00 17.48 ? 876  ALA A CA  1 
ATOM   100 C C   . ALA A  1 45  ? 18.737  3.303   0.170   1.00 21.05 ? 876  ALA A C   1 
ATOM   101 O O   . ALA A  1 45  ? 19.423  2.838   -0.756  1.00 19.57 ? 876  ALA A O   1 
ATOM   102 C CB  . ALA A  1 45  ? 17.242  1.530   1.050   1.00 18.45 ? 876  ALA A CB  1 
ATOM   103 N N   . GLN A  1 46  ? 19.212  4.166   1.095   1.00 17.79 ? 877  GLN A N   1 
ATOM   104 C CA  . GLN A  1 46  ? 20.616  4.621   1.114   1.00 19.24 ? 877  GLN A CA  1 
ATOM   105 C C   . GLN A  1 46  ? 21.370  3.869   2.226   1.00 21.45 ? 877  GLN A C   1 
ATOM   106 O O   . GLN A  1 46  ? 22.600  3.882   2.286   1.00 21.36 ? 877  GLN A O   1 
ATOM   107 C CB  . GLN A  1 46  ? 20.683  6.123   1.427   1.00 21.81 ? 877  GLN A CB  1 
ATOM   108 C CG  . GLN A  1 46  ? 20.203  7.047   0.321   1.00 37.27 ? 877  GLN A CG  1 
ATOM   109 C CD  . GLN A  1 46  ? 20.651  8.474   0.555   1.00 58.24 ? 877  GLN A CD  1 
ATOM   110 O OE1 . GLN A  1 46  ? 21.091  8.859   1.646   1.00 50.34 ? 877  GLN A OE1 1 
ATOM   111 N NE2 . GLN A  1 46  ? 20.549  9.292   -0.475  1.00 59.20 ? 877  GLN A NE2 1 
ATOM   112 N N   . THR A  1 47  ? 20.632  3.221   3.112   1.00 17.15 ? 878  THR A N   1 
ATOM   113 C CA  . THR A  1 47  ? 21.155  2.542   4.274   1.00 15.20 ? 878  THR A CA  1 
ATOM   114 C C   . THR A  1 47  ? 20.329  1.318   4.548   1.00 16.25 ? 878  THR A C   1 
ATOM   115 O O   . THR A  1 47  ? 19.159  1.263   4.142   1.00 16.00 ? 878  THR A O   1 
ATOM   116 C CB  . THR A  1 47  ? 21.265  3.557   5.417   1.00 20.66 ? 878  THR A CB  1 
ATOM   117 O OG1 . THR A  1 47  ? 22.079  3.007   6.442   1.00 24.00 ? 878  THR A OG1 1 
ATOM   118 C CG2 . THR A  1 47  ? 19.903  4.013   5.958   1.00 20.05 ? 878  THR A CG2 1 
ATOM   119 N N   . SER A  1 48  ? 20.896  0.346   5.278   1.00 15.22 ? 879  SER A N   1 
ATOM   120 C CA  . SER A  1 48  ? 20.222  -0.912  5.530   1.00 15.55 ? 879  SER A CA  1 
ATOM   121 C C   . SER A  1 48  ? 18.924  -0.755  6.299   1.00 15.71 ? 879  SER A C   1 
ATOM   122 O O   . SER A  1 48  ? 18.058  -1.613  6.141   1.00 17.31 ? 879  SER A O   1 
ATOM   123 C CB  . SER A  1 48  ? 21.157  -1.924  6.199   1.00 16.45 ? 879  SER A CB  1 
ATOM   124 O OG  . SER A  1 48  ? 21.408  -1.540  7.536   1.00 18.90 ? 879  SER A OG  1 
ATOM   125 N N   . LYS A  1 49  ? 18.816  0.299   7.126   1.00 15.04 ? 880  LYS A N   1 
ATOM   126 C CA  . LYS A  1 49  ? 17.604  0.510   7.940   1.00 14.91 ? 880  LYS A CA  1 
ATOM   127 C C   . LYS A  1 49  ? 16.459  1.151   7.157   1.00 14.74 ? 880  LYS A C   1 
ATOM   128 O O   . LYS A  1 49  ? 15.362  1.218   7.694   1.00 14.35 ? 880  LYS A O   1 
ATOM   129 C CB  . LYS A  1 49  ? 17.943  1.354   9.173   1.00 18.21 ? 880  LYS A CB  1 
ATOM   130 C CG  . LYS A  1 49  ? 18.805  0.637   10.246  1.00 23.99 ? 880  LYS A CG  1 
ATOM   131 C CD  A LYS A  1 49  ? 18.067  -0.391  11.050  0.50 19.82 ? 880  LYS A CD  1 
ATOM   132 C CE  A LYS A  1 49  ? 18.980  -1.155  11.997  0.50 18.40 ? 880  LYS A CE  1 
ATOM   133 N NZ  A LYS A  1 49  ? 19.308  -0.361  13.228  0.50 25.05 ? 880  LYS A NZ  1 
ATOM   134 N N   . GLU A  1 50  ? 16.691  1.625   5.927   1.00 12.57 ? 881  GLU A N   1 
ATOM   135 C CA  . GLU A  1 50  ? 15.630  2.079   5.026   1.00 12.44 ? 881  GLU A CA  1 
ATOM   136 C C   . GLU A  1 50  ? 15.213  0.901   4.157   1.00 15.88 ? 881  GLU A C   1 
ATOM   137 O O   . GLU A  1 50  ? 16.044  0.045   3.823   1.00 16.41 ? 881  GLU A O   1 
ATOM   138 C CB  . GLU A  1 50  ? 16.139  3.182   4.107   1.00 13.04 ? 881  GLU A CB  1 
ATOM   139 C CG  . GLU A  1 50  ? 16.342  4.508   4.799   1.00 13.94 ? 881  GLU A CG  1 
ATOM   140 C CD  . GLU A  1 50  ? 16.895  5.636   3.948   1.00 15.21 ? 881  GLU A CD  1 
ATOM   141 O OE1 . GLU A  1 50  ? 17.197  5.431   2.744   1.00 16.37 ? 881  GLU A OE1 1 
ATOM   142 O OE2 . GLU A  1 50  ? 16.966  6.759   4.490   1.00 14.91 ? 881  GLU A OE2 1 
ATOM   143 N N   A LEU A  1 51  ? 13.934  0.852   3.778   0.50 13.76 ? 882  LEU A N   1 
ATOM   144 N N   B LEU A  1 51  ? 13.922  0.863   3.772   0.50 14.40 ? 882  LEU A N   1 
ATOM   145 C CA  A LEU A  1 51  ? 13.455  -0.178  2.874   0.50 14.71 ? 882  LEU A CA  1 
ATOM   146 C CA  B LEU A  1 51  ? 13.348  -0.196  2.946   0.50 15.65 ? 882  LEU A CA  1 
ATOM   147 C C   A LEU A  1 51  ? 13.674  0.323   1.454   0.50 18.32 ? 882  LEU A C   1 
ATOM   148 C C   B LEU A  1 51  ? 13.095  0.258   1.539   0.50 18.70 ? 882  LEU A C   1 
ATOM   149 O O   A LEU A  1 51  ? 13.953  1.500   1.240   0.50 18.66 ? 882  LEU A O   1 
ATOM   150 O O   B LEU A  1 51  ? 12.248  1.124   1.338   0.50 16.71 ? 882  LEU A O   1 
ATOM   151 C CB  A LEU A  1 51  ? 11.957  -0.435  3.119   0.50 16.05 ? 882  LEU A CB  1 
ATOM   152 C CB  B LEU A  1 51  ? 12.009  -0.631  3.534   0.50 17.18 ? 882  LEU A CB  1 
ATOM   153 C CG  A LEU A  1 51  ? 11.568  -1.334  4.291   0.50 19.69 ? 882  LEU A CG  1 
ATOM   154 C CG  B LEU A  1 51  ? 11.984  -1.461  4.761   0.50 23.02 ? 882  LEU A CG  1 
ATOM   155 C CD1 A LEU A  1 51  ? 10.074  -1.336  4.485   0.50 18.59 ? 882  LEU A CD1 1 
ATOM   156 C CD1 B LEU A  1 51  ? 10.568  -1.923  5.012   0.50 23.89 ? 882  LEU A CD1 1 
ATOM   157 C CD2 A LEU A  1 51  ? 12.034  -2.780  4.084   0.50 18.84 ? 882  LEU A CD2 1 
ATOM   158 C CD2 B LEU A  1 51  ? 12.898  -2.648  4.655   0.50 24.98 ? 882  LEU A CD2 1 
ATOM   159 N N   A SER A  1 52  ? 13.572  -0.562  0.491   0.50 15.93 ? 883  SER A N   1 
ATOM   160 N N   B SER A  1 52  ? 13.770  -0.376  0.558   0.50 15.42 ? 883  SER A N   1 
ATOM   161 C CA  A SER A  1 52  ? 13.623  -0.162  -0.900  0.50 17.07 ? 883  SER A CA  1 
ATOM   162 C CA  B SER A  1 52  ? 13.645  -0.134  -0.883  0.50 16.77 ? 883  SER A CA  1 
ATOM   163 C C   . SER A  1 52  ? 12.367  -0.756  -1.476  1.00 20.53 ? 883  SER A C   1 
ATOM   164 O O   . SER A  1 52  ? 11.943  -1.830  -1.045  1.00 21.23 ? 883  SER A O   1 
ATOM   165 C CB  . SER A  1 52  ? 14.835  -0.754  -1.604  1.00 19.66 ? 883  SER A CB  1 
ATOM   166 O OG  . SER A  1 52  ? 15.989  0.058   -1.494  1.00 20.70 ? 883  SER A OG  1 
ATOM   167 N N   . PHE A  1 53  ? 11.751  -0.093  -2.443  1.00 17.53 ? 884  PHE A N   1 
ATOM   168 C CA  . PHE A  1 53  ? 10.560  -0.640  -3.102  1.00 17.04 ? 884  PHE A CA  1 
ATOM   169 C C   . PHE A  1 53  ? 10.311  0.075   -4.417  1.00 19.08 ? 884  PHE A C   1 
ATOM   170 O O   . PHE A  1 53  ? 10.877  1.135   -4.677  1.00 18.65 ? 884  PHE A O   1 
ATOM   171 C CB  . PHE A  1 53  ? 9.290   -0.588  -2.233  1.00 17.69 ? 884  PHE A CB  1 
ATOM   172 C CG  . PHE A  1 53  ? 8.960   0.702   -1.536  1.00 16.21 ? 884  PHE A CG  1 
ATOM   173 C CD1 . PHE A  1 53  ? 8.458   1.783   -2.244  1.00 16.27 ? 884  PHE A CD1 1 
ATOM   174 C CD2 . PHE A  1 53  ? 9.079   0.813   -0.155  1.00 16.90 ? 884  PHE A CD2 1 
ATOM   175 C CE1 . PHE A  1 53  ? 8.093   2.964   -1.580  1.00 16.35 ? 884  PHE A CE1 1 
ATOM   176 C CE2 . PHE A  1 53  ? 8.732   1.993   0.503   1.00 17.64 ? 884  PHE A CE2 1 
ATOM   177 C CZ  . PHE A  1 53  ? 8.223   3.055   -0.213  1.00 15.73 ? 884  PHE A CZ  1 
ATOM   178 N N   . LYS A  1 54  ? 9.502   -0.549  -5.256  1.00 18.22 ? 885  LYS A N   1 
ATOM   179 C CA  . LYS A  1 54  ? 9.112   0.019   -6.525  1.00 18.46 ? 885  LYS A CA  1 
ATOM   180 C C   . LYS A  1 54  ? 7.658   0.477   -6.459  1.00 19.97 ? 885  LYS A C   1 
ATOM   181 O O   . LYS A  1 54  ? 6.854   -0.067  -5.701  1.00 19.33 ? 885  LYS A O   1 
ATOM   182 C CB  . LYS A  1 54  ? 9.271   -1.022  -7.652  1.00 21.72 ? 885  LYS A CB  1 
ATOM   183 C CG  . LYS A  1 54  ? 10.707  -1.504  -7.848  1.00 26.79 ? 885  LYS A CG  1 
ATOM   184 C CD  . LYS A  1 54  ? 11.602  -0.448  -8.498  1.00 38.92 ? 885  LYS A CD  1 
ATOM   185 N N   . LYS A  1 55  ? 7.305   1.488   -7.257  1.00 19.70 ? 886  LYS A N   1 
ATOM   186 C CA  . LYS A  1 55  ? 5.921   1.950   -7.350  1.00 20.39 ? 886  LYS A CA  1 
ATOM   187 C C   . LYS A  1 55  ? 5.013   0.750   -7.640  1.00 25.19 ? 886  LYS A C   1 
ATOM   188 O O   . LYS A  1 55  ? 5.374   -0.085  -8.465  1.00 25.56 ? 886  LYS A O   1 
ATOM   189 C CB  . LYS A  1 55  ? 5.815   2.992   -8.494  1.00 21.36 ? 886  LYS A CB  1 
ATOM   190 C CG  . LYS A  1 55  ? 4.444   3.616   -8.637  1.00 32.19 ? 886  LYS A CG  1 
ATOM   191 C CD  . LYS A  1 55  ? 4.410   4.560   -9.830  1.00 36.66 ? 886  LYS A CD  1 
ATOM   192 C CE  . LYS A  1 55  ? 2.992   4.976   -10.138 1.00 45.52 ? 886  LYS A CE  1 
ATOM   193 N N   . GLY A  1 56  ? 3.910   0.649   -6.915  1.00 22.45 ? 887  GLY A N   1 
ATOM   194 C CA  . GLY A  1 56  ? 2.942   -0.436  -7.056  1.00 21.85 ? 887  GLY A CA  1 
ATOM   195 C C   . GLY A  1 56  ? 3.173   -1.579  -6.086  1.00 25.49 ? 887  GLY A C   1 
ATOM   196 O O   . GLY A  1 56  ? 2.293   -2.422  -5.907  1.00 25.29 ? 887  GLY A O   1 
ATOM   197 N N   . ASP A  1 57  ? 4.354   -1.630  -5.447  1.00 19.84 ? 888  ASP A N   1 
ATOM   198 C CA  . ASP A  1 57  ? 4.620   -2.675  -4.460  1.00 18.84 ? 888  ASP A CA  1 
ATOM   199 C C   . ASP A  1 57  ? 3.730   -2.540  -3.243  1.00 21.92 ? 888  ASP A C   1 
ATOM   200 O O   . ASP A  1 57  ? 3.282   -1.435  -2.900  1.00 19.39 ? 888  ASP A O   1 
ATOM   201 C CB  . ASP A  1 57  ? 6.078   -2.631  -3.992  1.00 19.30 ? 888  ASP A CB  1 
ATOM   202 C CG  . ASP A  1 57  ? 7.100   -3.192  -4.944  1.00 26.25 ? 888  ASP A CG  1 
ATOM   203 O OD1 . ASP A  1 57  ? 6.699   -3.663  -6.049  1.00 27.73 ? 888  ASP A OD1 1 
ATOM   204 O OD2 . ASP A  1 57  ? 8.304   -3.126  -4.622  1.00 23.33 ? 888  ASP A OD2 1 
ATOM   205 N N   . THR A  1 58  ? 3.516   -3.665  -2.548  1.00 20.41 ? 889  THR A N   1 
ATOM   206 C CA  . THR A  1 58  ? 2.797   -3.661  -1.295  1.00 19.09 ? 889  THR A CA  1 
ATOM   207 C C   . THR A  1 58  ? 3.807   -3.447  -0.179  1.00 23.64 ? 889  THR A C   1 
ATOM   208 O O   . THR A  1 58  ? 4.826   -4.139  -0.120  1.00 25.54 ? 889  THR A O   1 
ATOM   209 C CB  . THR A  1 58  ? 2.025   -4.970  -1.044  1.00 24.87 ? 889  THR A CB  1 
ATOM   210 O OG1 . THR A  1 58  ? 1.064   -5.119  -2.077  1.00 25.74 ? 889  THR A OG1 1 
ATOM   211 C CG2 . THR A  1 58  ? 1.260   -4.935  0.252   1.00 26.69 ? 889  THR A CG2 1 
ATOM   212 N N   . VAL A  1 59  ? 3.535   -2.490  0.703   1.00 19.14 ? 890  VAL A N   1 
ATOM   213 C CA  . VAL A  1 59  ? 4.392   -2.182  1.834   1.00 19.79 ? 890  VAL A CA  1 
ATOM   214 C C   . VAL A  1 59  ? 3.463   -2.275  3.060   1.00 22.08 ? 890  VAL A C   1 
ATOM   215 O O   . VAL A  1 59  ? 2.252   -2.012  2.928   1.00 26.39 ? 890  VAL A O   1 
ATOM   216 C CB  . VAL A  1 59  ? 5.055   -0.758  1.651   1.00 23.57 ? 890  VAL A CB  1 
ATOM   217 C CG1 . VAL A  1 59  ? 6.053   -0.452  2.740   1.00 23.59 ? 890  VAL A CG1 1 
ATOM   218 C CG2 . VAL A  1 59  ? 5.728   -0.593  0.287   1.00 23.32 ? 890  VAL A CG2 1 
ATOM   219 N N   . TYR A  1 60  ? 3.964   -2.652  4.230   1.00 17.06 ? 891  TYR A N   1 
ATOM   220 C CA  . TYR A  1 60  ? 3.164   -2.751  5.424   1.00 17.27 ? 891  TYR A CA  1 
ATOM   221 C C   . TYR A  1 60  ? 3.623   -1.716  6.425   1.00 22.89 ? 891  TYR A C   1 
ATOM   222 O O   . TYR A  1 60  ? 4.814   -1.435  6.497   1.00 23.77 ? 891  TYR A O   1 
ATOM   223 C CB  . TYR A  1 60  ? 3.171   -4.178  5.996   1.00 17.08 ? 891  TYR A CB  1 
ATOM   224 C CG  . TYR A  1 60  ? 2.623   -5.222  5.041   1.00 17.54 ? 891  TYR A CG  1 
ATOM   225 C CD1 . TYR A  1 60  ? 3.437   -5.811  4.079   1.00 17.36 ? 891  TYR A CD1 1 
ATOM   226 C CD2 . TYR A  1 60  ? 1.272   -5.556  5.048   1.00 18.38 ? 891  TYR A CD2 1 
ATOM   227 C CE1 . TYR A  1 60  ? 2.927   -6.744  3.168   1.00 16.92 ? 891  TYR A CE1 1 
ATOM   228 C CE2 . TYR A  1 60  ? 0.744   -6.443  4.108   1.00 19.35 ? 891  TYR A CE2 1 
ATOM   229 C CZ  . TYR A  1 60  ? 1.588   -7.074  3.210   1.00 21.73 ? 891  TYR A CZ  1 
ATOM   230 O OH  . TYR A  1 60  ? 1.084   -8.035  2.359   1.00 22.94 ? 891  TYR A OH  1 
ATOM   231 N N   . ILE A  1 61  ? 2.680   -1.048  7.086   1.00 18.00 ? 892  ILE A N   1 
ATOM   232 C CA  . ILE A  1 61  ? 2.994   -0.003  8.064   1.00 16.28 ? 892  ILE A CA  1 
ATOM   233 C C   . ILE A  1 61  ? 2.903   -0.512  9.479   1.00 18.66 ? 892  ILE A C   1 
ATOM   234 O O   . ILE A  1 61  ? 1.840   -1.030  9.877   1.00 20.10 ? 892  ILE A O   1 
ATOM   235 C CB  . ILE A  1 61  ? 2.084   1.239   7.857   1.00 17.38 ? 892  ILE A CB  1 
ATOM   236 C CG1 . ILE A  1 61  ? 2.224   1.850   6.435   1.00 17.52 ? 892  ILE A CG1 1 
ATOM   237 C CG2 . ILE A  1 61  ? 2.327   2.272   8.981   1.00 17.99 ? 892  ILE A CG2 1 
ATOM   238 C CD1 . ILE A  1 61  ? 1.005   2.737   6.011   1.00 21.79 ? 892  ILE A CD1 1 
ATOM   239 N N   . LEU A  1 62  ? 3.944   -0.333  10.276  1.00 16.53 ? 893  LEU A N   1 
ATOM   240 C CA  . LEU A  1 62  ? 3.941   -0.642  11.685  1.00 16.53 ? 893  LEU A CA  1 
ATOM   241 C C   . LEU A  1 62  ? 3.613   0.639   12.492  1.00 19.94 ? 893  LEU A C   1 
ATOM   242 O O   . LEU A  1 62  ? 2.596   0.686   13.196  1.00 19.26 ? 893  LEU A O   1 
ATOM   243 C CB  . LEU A  1 62  ? 5.279   -1.237  12.129  1.00 18.89 ? 893  LEU A CB  1 
ATOM   244 C CG  . LEU A  1 62  ? 5.435   -1.582  13.588  1.00 26.33 ? 893  LEU A CG  1 
ATOM   245 C CD1 . LEU A  1 62  ? 4.698   -2.874  13.909  1.00 30.21 ? 893  LEU A CD1 1 
ATOM   246 C CD2 . LEU A  1 62  ? 6.863   -1.839  13.905  1.00 30.54 ? 893  LEU A CD2 1 
ATOM   247 N N   . ARG A  1 63  ? 4.405   1.717   12.324  1.00 15.28 ? 894  ARG A N   1 
ATOM   248 C CA  . ARG A  1 63  ? 4.203   2.923   13.118  1.00 13.80 ? 894  ARG A CA  1 
ATOM   249 C C   . ARG A  1 63  ? 4.950   4.082   12.469  1.00 17.02 ? 894  ARG A C   1 
ATOM   250 O O   . ARG A  1 63  ? 5.722   3.869   11.536  1.00 16.55 ? 894  ARG A O   1 
ATOM   251 C CB  . ARG A  1 63  ? 4.744   2.730   14.550  1.00 14.98 ? 894  ARG A CB  1 
ATOM   252 C CG  . ARG A  1 63  ? 6.251   2.404   14.595  1.00 18.76 ? 894  ARG A CG  1 
ATOM   253 C CD  . ARG A  1 63  ? 6.844   2.310   16.007  1.00 22.34 ? 894  ARG A CD  1 
ATOM   254 N NE  . ARG A  1 63  ? 6.338   1.148   16.743  1.00 23.21 ? 894  ARG A NE  1 
ATOM   255 C CZ  . ARG A  1 63  ? 7.001   0.010   16.949  1.00 20.91 ? 894  ARG A CZ  1 
ATOM   256 N NH1 . ARG A  1 63  ? 8.234   -0.148  16.482  1.00 22.89 ? 894  ARG A NH1 1 
ATOM   257 N NH2 . ARG A  1 63  ? 6.440   -0.973  17.628  1.00 20.69 ? 894  ARG A NH2 1 
ATOM   258 N N   . LYS A  1 64  ? 4.762   5.294   12.985  1.00 16.29 ? 895  LYS A N   1 
ATOM   259 C CA  . LYS A  1 64  ? 5.548   6.439   12.550  1.00 15.21 ? 895  LYS A CA  1 
ATOM   260 C C   . LYS A  1 64  ? 6.743   6.567   13.482  1.00 19.66 ? 895  LYS A C   1 
ATOM   261 O O   . LYS A  1 64  ? 6.607   6.390   14.706  1.00 20.98 ? 895  LYS A O   1 
ATOM   262 C CB  . LYS A  1 64  ? 4.707   7.708   12.679  1.00 17.78 ? 895  LYS A CB  1 
ATOM   263 C CG  . LYS A  1 64  ? 3.607   7.839   11.695  1.00 19.27 ? 895  LYS A CG  1 
ATOM   264 C CD  . LYS A  1 64  ? 2.935   9.206   11.922  1.00 26.66 ? 895  LYS A CD  1 
ATOM   265 C CE  . LYS A  1 64  ? 1.753   9.441   11.032  1.00 39.67 ? 895  LYS A CE  1 
ATOM   266 N NZ  . LYS A  1 64  ? 1.173   10.794  11.273  1.00 48.44 ? 895  LYS A NZ  1 
ATOM   267 N N   . ILE A  1 65  ? 7.911   6.924   12.948  1.00 16.97 ? 896  ILE A N   1 
ATOM   268 C CA  . ILE A  1 65  ? 9.042   7.195   13.830  1.00 18.02 ? 896  ILE A CA  1 
ATOM   269 C C   . ILE A  1 65  ? 9.123   8.726   14.055  1.00 21.33 ? 896  ILE A C   1 
ATOM   270 O O   . ILE A  1 65  ? 9.749   9.173   15.010  1.00 21.94 ? 896  ILE A O   1 
ATOM   271 C CB  . ILE A  1 65  ? 10.358  6.583   13.363  1.00 20.61 ? 896  ILE A CB  1 
ATOM   272 C CG1 . ILE A  1 65  ? 10.805  7.162   12.027  1.00 19.82 ? 896  ILE A CG1 1 
ATOM   273 C CG2 . ILE A  1 65  ? 10.255  5.050   13.299  1.00 22.17 ? 896  ILE A CG2 1 
ATOM   274 C CD1 . ILE A  1 65  ? 12.373  7.131   11.796  1.00 22.42 ? 896  ILE A CD1 1 
ATOM   275 N N   . ASP A  1 66  ? 8.561   9.504   13.127  1.00 17.51 ? 897  ASP A N   1 
ATOM   276 C CA  . ASP A  1 66  ? 8.522   10.977  13.194  1.00 16.52 ? 897  ASP A CA  1 
ATOM   277 C C   . ASP A  1 66  ? 7.430   11.408  12.225  1.00 19.85 ? 897  ASP A C   1 
ATOM   278 O O   . ASP A  1 66  ? 6.688   10.537  11.734  1.00 18.50 ? 897  ASP A O   1 
ATOM   279 C CB  . ASP A  1 66  ? 9.910   11.610  12.902  1.00 17.03 ? 897  ASP A CB  1 
ATOM   280 C CG  . ASP A  1 66  ? 10.442  11.470  11.485  1.00 19.05 ? 897  ASP A CG  1 
ATOM   281 O OD1 . ASP A  1 66  ? 9.687   11.054  10.624  1.00 16.95 ? 897  ASP A OD1 1 
ATOM   282 O OD2 . ASP A  1 66  ? 11.647  11.744  11.266  1.00 20.58 ? 897  ASP A OD2 1 
ATOM   283 N N   . GLN A  1 67  ? 7.324   12.704  11.912  1.00 18.14 ? 898  GLN A N   1 
ATOM   284 C CA  . GLN A  1 67  ? 6.262   13.162  11.022  1.00 19.43 ? 898  GLN A CA  1 
ATOM   285 C C   . GLN A  1 67  ? 6.459   12.838  9.528   1.00 19.49 ? 898  GLN A C   1 
ATOM   286 O O   . GLN A  1 67  ? 5.523   13.017  8.739   1.00 20.34 ? 898  GLN A O   1 
ATOM   287 C CB  . GLN A  1 67  ? 6.043   14.669  11.208  1.00 22.45 ? 898  GLN A CB  1 
ATOM   288 C CG  . GLN A  1 67  ? 5.524   15.052  12.607  1.00 35.45 ? 898  GLN A CG  1 
ATOM   289 N N   . ASN A  1 68  ? 7.653   12.321  9.149   1.00 14.80 ? 899  ASN A N   1 
ATOM   290 C CA  . ASN A  1 68  ? 7.972   12.053  7.743   1.00 13.97 ? 899  ASN A CA  1 
ATOM   291 C C   . ASN A  1 68  ? 8.145   10.585  7.392   1.00 12.95 ? 899  ASN A C   1 
ATOM   292 O O   . ASN A  1 68  ? 8.088   10.259  6.209   1.00 12.98 ? 899  ASN A O   1 
ATOM   293 C CB  . ASN A  1 68  ? 9.278   12.786  7.360   1.00 15.52 ? 899  ASN A CB  1 
ATOM   294 C CG  . ASN A  1 68  ? 9.122   14.270  7.432   1.00 21.19 ? 899  ASN A CG  1 
ATOM   295 O OD1 . ASN A  1 68  ? 8.064   14.798  7.110   1.00 18.98 ? 899  ASN A OD1 1 
ATOM   296 N ND2 . ASN A  1 68  ? 10.202  14.952  7.841   1.00 19.53 ? 899  ASN A ND2 1 
ATOM   297 N N   . TRP A  1 69  ? 8.447   9.747   8.373   1.00 11.80 ? 900  TRP A N   1 
ATOM   298 C CA  . TRP A  1 69  ? 8.854   8.354   8.134   1.00 11.42 ? 900  TRP A CA  1 
ATOM   299 C C   . TRP A  1 69  ? 7.974   7.365   8.845   1.00 13.47 ? 900  TRP A C   1 
ATOM   300 O O   . TRP A  1 69  ? 7.757   7.488   10.066  1.00 13.03 ? 900  TRP A O   1 
ATOM   301 C CB  . TRP A  1 69  ? 10.331  8.106   8.585   1.00 11.30 ? 900  TRP A CB  1 
ATOM   302 C CG  . TRP A  1 69  ? 11.332  8.946   7.834   1.00 11.22 ? 900  TRP A CG  1 
ATOM   303 C CD1 . TRP A  1 69  ? 11.699  10.230  8.104   1.00 13.89 ? 900  TRP A CD1 1 
ATOM   304 C CD2 . TRP A  1 69  ? 12.032  8.567   6.638   1.00 10.78 ? 900  TRP A CD2 1 
ATOM   305 N NE1 . TRP A  1 69  ? 12.577  10.686  7.127   1.00 12.86 ? 900  TRP A NE1 1 
ATOM   306 C CE2 . TRP A  1 69  ? 12.772  9.691   6.210   1.00 12.59 ? 900  TRP A CE2 1 
ATOM   307 C CE3 . TRP A  1 69  ? 12.118  7.382   5.888   1.00 11.85 ? 900  TRP A CE3 1 
ATOM   308 C CZ2 . TRP A  1 69  ? 13.597  9.655   5.082   1.00 13.09 ? 900  TRP A CZ2 1 
ATOM   309 C CZ3 . TRP A  1 69  ? 12.951  7.343   4.774   1.00 13.29 ? 900  TRP A CZ3 1 
ATOM   310 C CH2 . TRP A  1 69  ? 13.641  8.495   4.359   1.00 13.32 ? 900  TRP A CH2 1 
ATOM   311 N N   . TYR A  1 70  ? 7.611   6.300   8.121   1.00 12.01 ? 901  TYR A N   1 
ATOM   312 C CA  . TYR A  1 70  ? 7.010   5.114   8.729   1.00 12.56 ? 901  TYR A CA  1 
ATOM   313 C C   . TYR A  1 70  ? 8.066   4.048   8.914   1.00 13.90 ? 901  TYR A C   1 
ATOM   314 O O   . TYR A  1 70  ? 8.974   3.920   8.097   1.00 12.96 ? 901  TYR A O   1 
ATOM   315 C CB  . TYR A  1 70  ? 5.984   4.461   7.803   1.00 12.53 ? 901  TYR A CB  1 
ATOM   316 C CG  . TYR A  1 70  ? 4.639   5.125   7.700   1.00 12.31 ? 901  TYR A CG  1 
ATOM   317 C CD1 . TYR A  1 70  ? 3.928   5.482   8.848   1.00 13.74 ? 901  TYR A CD1 1 
ATOM   318 C CD2 . TYR A  1 70  ? 4.028   5.308   6.466   1.00 12.61 ? 901  TYR A CD2 1 
ATOM   319 C CE1 . TYR A  1 70  ? 2.639   6.015   8.767   1.00 15.55 ? 901  TYR A CE1 1 
ATOM   320 C CE2 . TYR A  1 70  ? 2.735   5.838   6.373   1.00 13.38 ? 901  TYR A CE2 1 
ATOM   321 C CZ  . TYR A  1 70  ? 2.071   6.219   7.527   1.00 14.18 ? 901  TYR A CZ  1 
ATOM   322 O OH  . TYR A  1 70  ? 0.787   6.731   7.484   1.00 17.34 ? 901  TYR A OH  1 
ATOM   323 N N   . GLU A  1 71  ? 7.920   3.238   9.943   1.00 12.81 ? 902  GLU A N   1 
ATOM   324 C CA  . GLU A  1 71  ? 8.625   1.965   10.097  1.00 12.32 ? 902  GLU A CA  1 
ATOM   325 C C   . GLU A  1 71  ? 7.600   0.921   9.608   1.00 12.84 ? 902  GLU A C   1 
ATOM   326 O O   . GLU A  1 71  ? 6.399   1.002   9.935   1.00 13.26 ? 902  GLU A O   1 
ATOM   327 C CB  . GLU A  1 71  ? 8.960   1.716   11.564  1.00 14.10 ? 902  GLU A CB  1 
ATOM   328 C CG  . GLU A  1 71  ? 9.762   0.438   11.744  1.00 16.98 ? 902  GLU A CG  1 
ATOM   329 C CD  . GLU A  1 71  ? 10.228  0.208   13.167  1.00 23.22 ? 902  GLU A CD  1 
ATOM   330 O OE1 . GLU A  1 71  ? 9.615   0.759   14.113  1.00 25.28 ? 902  GLU A OE1 1 
ATOM   331 O OE2 . GLU A  1 71  ? 11.290  -0.431  13.320  1.00 19.09 ? 902  GLU A OE2 1 
ATOM   332 N N   . GLY A  1 72  ? 8.066   -0.079  8.876   1.00 12.93 ? 903  GLY A N   1 
ATOM   333 C CA  . GLY A  1 72  ? 7.185   -1.124  8.386   1.00 13.60 ? 903  GLY A CA  1 
ATOM   334 C C   . GLY A  1 72  ? 7.950   -2.244  7.740   1.00 13.82 ? 903  GLY A C   1 
ATOM   335 O O   . GLY A  1 72  ? 9.147   -2.449  8.008   1.00 14.24 ? 903  GLY A O   1 
ATOM   336 N N   . GLU A  1 73  ? 7.265   -2.961  6.856   1.00 14.99 ? 904  GLU A N   1 
ATOM   337 C CA  . GLU A  1 73  ? 7.842   -4.151  6.246   1.00 15.15 ? 904  GLU A CA  1 
ATOM   338 C C   . GLU A  1 73  ? 7.605   -4.194  4.763   1.00 15.31 ? 904  GLU A C   1 
ATOM   339 O O   . GLU A  1 73  ? 6.501   -3.867  4.313   1.00 15.86 ? 904  GLU A O   1 
ATOM   340 C CB  . GLU A  1 73  ? 7.255   -5.414  6.910   1.00 17.43 ? 904  GLU A CB  1 
ATOM   341 C CG  . GLU A  1 73  ? 7.407   -5.499  8.416   1.00 26.90 ? 904  GLU A CG  1 
ATOM   342 C CD  . GLU A  1 73  ? 7.226   -6.879  9.024   1.00 56.27 ? 904  GLU A CD  1 
ATOM   343 O OE1 . GLU A  1 73  ? 7.080   -7.862  8.263   1.00 50.56 ? 904  GLU A OE1 1 
ATOM   344 O OE2 . GLU A  1 73  ? 7.249   -6.975  10.272  1.00 58.59 ? 904  GLU A OE2 1 
ATOM   345 N N   . HIS A  1 74  ? 8.590   -4.716  3.999   1.00 16.17 ? 905  HIS A N   1 
ATOM   346 C CA  . HIS A  1 74  ? 8.464   -4.924  2.549   1.00 16.20 ? 905  HIS A CA  1 
ATOM   347 C C   . HIS A  1 74  ? 9.338   -6.132  2.206   1.00 18.80 ? 905  HIS A C   1 
ATOM   348 O O   . HIS A  1 74  ? 10.500  -6.195  2.625   1.00 16.93 ? 905  HIS A O   1 
ATOM   349 C CB  . HIS A  1 74  ? 8.897   -3.682  1.756   1.00 17.63 ? 905  HIS A CB  1 
ATOM   350 C CG  . HIS A  1 74  ? 8.999   -3.887  0.276   1.00 20.22 ? 905  HIS A CG  1 
ATOM   351 N ND1 . HIS A  1 74  ? 10.209  -4.148  -0.319  1.00 22.32 ? 905  HIS A ND1 1 
ATOM   352 C CD2 . HIS A  1 74  ? 8.046   -3.835  -0.681  1.00 23.99 ? 905  HIS A CD2 1 
ATOM   353 C CE1 . HIS A  1 74  ? 9.967   -4.239  -1.615  1.00 22.92 ? 905  HIS A CE1 1 
ATOM   354 N NE2 . HIS A  1 74  ? 8.679   -4.065  -1.876  1.00 23.17 ? 905  HIS A NE2 1 
ATOM   355 N N   . HIS A  1 75  ? 8.785   -7.074  1.428   1.00 18.20 ? 906  HIS A N   1 
ATOM   356 C CA  . HIS A  1 75  ? 9.521   -8.297  1.035   1.00 18.04 ? 906  HIS A CA  1 
ATOM   357 C C   . HIS A  1 75  ? 10.211  -9.002  2.216   1.00 19.91 ? 906  HIS A C   1 
ATOM   358 O O   . HIS A  1 75  ? 11.346  -9.443  2.092   1.00 21.70 ? 906  HIS A O   1 
ATOM   359 C CB  . HIS A  1 75  ? 10.552  -7.980  -0.062  1.00 19.28 ? 906  HIS A CB  1 
ATOM   360 C CG  . HIS A  1 75  ? 9.971   -7.710  -1.403  1.00 22.74 ? 906  HIS A CG  1 
ATOM   361 N ND1 . HIS A  1 75  ? 10.785  -7.479  -2.486  1.00 25.58 ? 906  HIS A ND1 1 
ATOM   362 C CD2 . HIS A  1 75  ? 8.685   -7.692  -1.809  1.00 25.27 ? 906  HIS A CD2 1 
ATOM   363 C CE1 . HIS A  1 75  ? 9.979   -7.305  -3.514  1.00 25.40 ? 906  HIS A CE1 1 
ATOM   364 N NE2 . HIS A  1 75  ? 8.709   -7.389  -3.155  1.00 25.67 ? 906  HIS A NE2 1 
ATOM   365 N N   . GLY A  1 76  ? 9.558   -8.994  3.369   1.00 19.24 ? 907  GLY A N   1 
ATOM   366 C CA  . GLY A  1 76  ? 10.065  -9.658  4.560   1.00 20.59 ? 907  GLY A CA  1 
ATOM   367 C C   . GLY A  1 76  ? 11.188  -8.961  5.296   1.00 22.53 ? 907  GLY A C   1 
ATOM   368 O O   . GLY A  1 76  ? 11.848  -9.556  6.159   1.00 21.40 ? 907  GLY A O   1 
ATOM   369 N N   . ARG A  1 77  ? 11.439  -7.695  4.937   1.00 18.49 ? 908  ARG A N   1 
ATOM   370 C CA  . ARG A  1 77  ? 12.457  -6.888  5.594   1.00 17.61 ? 908  ARG A CA  1 
ATOM   371 C C   . ARG A  1 77  ? 11.779  -5.764  6.369   1.00 18.21 ? 908  ARG A C   1 
ATOM   372 O O   . ARG A  1 77  ? 10.721  -5.296  5.965   1.00 18.24 ? 908  ARG A O   1 
ATOM   373 C CB  . ARG A  1 77  ? 13.390  -6.280  4.561   1.00 17.32 ? 908  ARG A CB  1 
ATOM   374 C CG  . ARG A  1 77  ? 14.173  -7.307  3.731   1.00 22.70 ? 908  ARG A CG  1 
ATOM   375 C CD  A ARG A  1 77  ? 15.111  -6.725  2.695   0.70 24.55 ? 908  ARG A CD  1 
ATOM   376 C CD  B ARG A  1 77  ? 15.235  -6.549  2.923   0.30 23.82 ? 908  ARG A CD  1 
ATOM   377 N NE  A ARG A  1 77  ? 16.328  -6.198  3.303   0.70 29.08 ? 908  ARG A NE  1 
ATOM   378 N NE  B ARG A  1 77  ? 16.381  -6.121  3.738   0.30 27.18 ? 908  ARG A NE  1 
ATOM   379 C CZ  A ARG A  1 77  ? 17.373  -6.922  3.709   0.70 37.05 ? 908  ARG A CZ  1 
ATOM   380 C CZ  B ARG A  1 77  ? 16.686  -4.859  4.050   0.30 33.05 ? 908  ARG A CZ  1 
ATOM   381 N NH1 A ARG A  1 77  ? 17.369  -8.254  3.580   0.70 15.10 ? 908  ARG A NH1 1 
ATOM   382 N NH1 B ARG A  1 77  ? 17.754  -4.591  4.788   0.30 24.74 ? 908  ARG A NH1 1 
ATOM   383 N NH2 A ARG A  1 77  ? 18.429  -6.325  4.242   0.70 21.51 ? 908  ARG A NH2 1 
ATOM   384 N NH2 B ARG A  1 77  ? 15.927  -3.856  3.617   0.30 18.91 ? 908  ARG A NH2 1 
ATOM   385 N N   . VAL A  1 78  ? 12.375  -5.366  7.485   1.00 15.52 ? 909  VAL A N   1 
ATOM   386 C CA  . VAL A  1 78  ? 11.839  -4.288  8.312   1.00 15.59 ? 909  VAL A CA  1 
ATOM   387 C C   . VAL A  1 78  ? 12.735  -3.055  8.168   1.00 16.28 ? 909  VAL A C   1 
ATOM   388 O O   . VAL A  1 78  ? 13.972  -3.163  8.126   1.00 15.89 ? 909  VAL A O   1 
ATOM   389 C CB  . VAL A  1 78  ? 11.742  -4.691  9.811   1.00 21.45 ? 909  VAL A CB  1 
ATOM   390 C CG1 . VAL A  1 78  ? 11.128  -3.565  10.646  1.00 22.58 ? 909  VAL A CG1 1 
ATOM   391 C CG2 . VAL A  1 78  ? 10.892  -5.951  9.965   1.00 22.01 ? 909  VAL A CG2 1 
ATOM   392 N N   . GLY A  1 79  ? 12.117  -1.876  8.089   1.00 12.67 ? 910  GLY A N   1 
ATOM   393 C CA  . GLY A  1 79  ? 12.884  -0.629  8.034   1.00 11.92 ? 910  GLY A CA  1 
ATOM   394 C C   . GLY A  1 79  ? 11.973  0.545   7.828   1.00 10.22 ? 910  GLY A C   1 
ATOM   395 O O   . GLY A  1 79  ? 10.749  0.392   7.903   1.00 12.12 ? 910  GLY A O   1 
ATOM   396 N N   . ILE A  1 80  ? 12.535  1.693   7.527   1.00 10.92 ? 911  ILE A N   1 
ATOM   397 C CA  . ILE A  1 80  ? 11.750  2.889   7.357   1.00 10.40 ? 911  ILE A CA  1 
ATOM   398 C C   . ILE A  1 80  ? 11.649  3.348   5.934   1.00 11.58 ? 911  ILE A C   1 
ATOM   399 O O   . ILE A  1 80  ? 12.484  3.030   5.091   1.00 12.80 ? 911  ILE A O   1 
ATOM   400 C CB  . ILE A  1 80  ? 12.236  4.052   8.235   1.00 12.25 ? 911  ILE A CB  1 
ATOM   401 C CG1 . ILE A  1 80  ? 13.708  4.385   7.949   1.00 12.41 ? 911  ILE A CG1 1 
ATOM   402 C CG2 . ILE A  1 80  ? 11.973  3.791   9.724   1.00 13.72 ? 911  ILE A CG2 1 
ATOM   403 C CD1 . ILE A  1 80  ? 14.163  5.701   8.658   1.00 14.12 ? 911  ILE A CD1 1 
ATOM   404 N N   . PHE A  1 81  ? 10.621  4.168   5.683   1.00 10.10 ? 912  PHE A N   1 
ATOM   405 C CA  . PHE A  1 81  ? 10.379  4.700   4.346   1.00 10.65 ? 912  PHE A CA  1 
ATOM   406 C C   . PHE A  1 81  ? 9.460   5.925   4.483   1.00 11.28 ? 912  PHE A C   1 
ATOM   407 O O   . PHE A  1 81  ? 8.819   6.090   5.530   1.00 11.43 ? 912  PHE A O   1 
ATOM   408 C CB  . PHE A  1 81  ? 9.734   3.632   3.456   1.00 12.93 ? 912  PHE A CB  1 
ATOM   409 C CG  . PHE A  1 81  ? 8.515   2.998   4.062   1.00 12.70 ? 912  PHE A CG  1 
ATOM   410 C CD1 . PHE A  1 81  ? 8.628   1.904   4.906   1.00 15.92 ? 912  PHE A CD1 1 
ATOM   411 C CD2 . PHE A  1 81  ? 7.250   3.537   3.843   1.00 14.34 ? 912  PHE A CD2 1 
ATOM   412 C CE1 . PHE A  1 81  ? 7.498   1.312   5.470   1.00 16.38 ? 912  PHE A CE1 1 
ATOM   413 C CE2 . PHE A  1 81  ? 6.113   2.936   4.409   1.00 17.01 ? 912  PHE A CE2 1 
ATOM   414 C CZ  . PHE A  1 81  ? 6.249   1.864   5.248   1.00 15.38 ? 912  PHE A CZ  1 
ATOM   415 N N   . PRO A  1 82  ? 9.462   6.836   3.516   1.00 12.22 ? 913  PRO A N   1 
ATOM   416 C CA  . PRO A  1 82  ? 8.661   8.065   3.677   1.00 10.95 ? 913  PRO A CA  1 
ATOM   417 C C   . PRO A  1 82  ? 7.156   7.799   3.655   1.00 13.37 ? 913  PRO A C   1 
ATOM   418 O O   . PRO A  1 82  ? 6.617   7.101   2.773   1.00 12.71 ? 913  PRO A O   1 
ATOM   419 C CB  . PRO A  1 82  ? 9.057   8.888   2.441   1.00 12.54 ? 913  PRO A CB  1 
ATOM   420 C CG  . PRO A  1 82  ? 10.380  8.313   1.987   1.00 16.82 ? 913  PRO A CG  1 
ATOM   421 C CD  . PRO A  1 82  ? 10.199  6.852   2.229   1.00 13.78 ? 913  PRO A CD  1 
ATOM   422 N N   . ILE A  1 83  ? 6.463   8.479   4.599   1.00 11.42 ? 914  ILE A N   1 
ATOM   423 C CA  . ILE A  1 83  ? 5.004   8.430   4.692   1.00 10.50 ? 914  ILE A CA  1 
ATOM   424 C C   . ILE A  1 83  ? 4.413   8.847   3.342   1.00 12.98 ? 914  ILE A C   1 
ATOM   425 O O   . ILE A  1 83  ? 3.479   8.217   2.833   1.00 13.31 ? 914  ILE A O   1 
ATOM   426 C CB  . ILE A  1 83  ? 4.542   9.397   5.806   1.00 12.56 ? 914  ILE A CB  1 
ATOM   427 C CG1 . ILE A  1 83  ? 4.941   8.861   7.153   1.00 12.47 ? 914  ILE A CG1 1 
ATOM   428 C CG2 . ILE A  1 83  ? 3.005   9.611   5.711   1.00 13.70 ? 914  ILE A CG2 1 
ATOM   429 C CD1 . ILE A  1 83  ? 4.766   9.784   8.359   1.00 17.22 ? 914  ILE A CD1 1 
ATOM   430 N N   . SER A  1 84  ? 4.955   9.930   2.773   1.00 12.89 ? 915  SER A N   1 
ATOM   431 C CA  . SER A  1 84  ? 4.446   10.457  1.509   1.00 13.92 ? 915  SER A CA  1 
ATOM   432 C C   . SER A  1 84  ? 4.656   9.558   0.306   1.00 16.71 ? 915  SER A C   1 
ATOM   433 O O   . SER A  1 84  ? 4.117   9.839   -0.773  1.00 17.69 ? 915  SER A O   1 
ATOM   434 C CB  . SER A  1 84  ? 5.065   11.818  1.225   1.00 16.70 ? 915  SER A CB  1 
ATOM   435 O OG  . SER A  1 84  ? 6.471   11.714  1.113   1.00 20.16 ? 915  SER A OG  1 
ATOM   436 N N   . TYR A  1 85  ? 5.442   8.468   0.445   1.00 12.96 ? 916  TYR A N   1 
ATOM   437 C CA  . TYR A  1 85  ? 5.694   7.632   -0.728  1.00 12.55 ? 916  TYR A CA  1 
ATOM   438 C C   . TYR A  1 85  ? 4.724   6.458   -0.802  1.00 14.50 ? 916  TYR A C   1 
ATOM   439 O O   . TYR A  1 85  ? 4.881   5.625   -1.704  1.00 14.93 ? 916  TYR A O   1 
ATOM   440 C CB  . TYR A  1 85  ? 7.136   7.102   -0.701  1.00 13.28 ? 916  TYR A CB  1 
ATOM   441 C CG  . TYR A  1 85  ? 8.164   8.027   -1.314  1.00 14.31 ? 916  TYR A CG  1 
ATOM   442 C CD1 . TYR A  1 85  ? 8.209   9.379   -0.978  1.00 16.09 ? 916  TYR A CD1 1 
ATOM   443 C CD2 . TYR A  1 85  ? 9.134   7.539   -2.178  1.00 15.37 ? 916  TYR A CD2 1 
ATOM   444 C CE1 . TYR A  1 85  ? 9.194   10.217  -1.494  1.00 15.33 ? 916  TYR A CE1 1 
ATOM   445 C CE2 . TYR A  1 85  ? 10.134  8.362   -2.679  1.00 16.51 ? 916  TYR A CE2 1 
ATOM   446 C CZ  . TYR A  1 85  ? 10.152  9.704   -2.341  1.00 17.48 ? 916  TYR A CZ  1 
ATOM   447 O OH  . TYR A  1 85  ? 11.145  10.542  -2.804  1.00 17.21 ? 916  TYR A OH  1 
ATOM   448 N N   . VAL A  1 86  ? 3.774   6.361   0.156   1.00 13.13 ? 917  VAL A N   1 
ATOM   449 C CA  . VAL A  1 86  ? 2.836   5.242   0.132   1.00 13.13 ? 917  VAL A CA  1 
ATOM   450 C C   . VAL A  1 86  ? 1.420   5.737   0.272   1.00 17.71 ? 917  VAL A C   1 
ATOM   451 O O   . VAL A  1 86  ? 1.167   6.827   0.785   1.00 15.62 ? 917  VAL A O   1 
ATOM   452 C CB  . VAL A  1 86  ? 3.142   4.168   1.214   1.00 14.02 ? 917  VAL A CB  1 
ATOM   453 C CG1 . VAL A  1 86  ? 4.562   3.589   1.078   1.00 14.23 ? 917  VAL A CG1 1 
ATOM   454 C CG2 . VAL A  1 86  ? 2.888   4.662   2.626   1.00 14.72 ? 917  VAL A CG2 1 
ATOM   455 N N   . GLU A  1 87  ? 0.473   4.864   -0.076  1.00 16.53 ? 918  GLU A N   1 
ATOM   456 C CA  . GLU A  1 87  ? -0.945  5.096   0.092   1.00 16.92 ? 918  GLU A CA  1 
ATOM   457 C C   . GLU A  1 87  ? -1.484  4.018   1.031   1.00 17.35 ? 918  GLU A C   1 
ATOM   458 O O   . GLU A  1 87  ? -1.388  2.829   0.691   1.00 17.68 ? 918  GLU A O   1 
ATOM   459 C CB  . GLU A  1 87  ? -1.679  5.008   -1.242  1.00 18.41 ? 918  GLU A CB  1 
ATOM   460 C CG  . GLU A  1 87  ? -3.164  4.848   -1.001  1.00 25.39 ? 918  GLU A CG  1 
ATOM   461 C CD  . GLU A  1 87  ? -4.076  4.852   -2.202  1.00 23.85 ? 918  GLU A CD  1 
ATOM   462 O OE1 . GLU A  1 87  ? -3.650  4.430   -3.300  1.00 24.93 ? 918  GLU A OE1 1 
ATOM   463 O OE2 . GLU A  1 87  ? -5.268  5.162   -1.990  1.00 32.60 ? 918  GLU A OE2 1 
ATOM   464 N N   . LYS A  1 88  ? -1.978  4.397   2.196   1.00 17.99 ? 919  LYS A N   1 
ATOM   465 C CA  . LYS A  1 88  ? -2.572  3.455   3.143   1.00 19.59 ? 919  LYS A CA  1 
ATOM   466 C C   . LYS A  1 88  ? -3.843  2.904   2.492   1.00 22.19 ? 919  LYS A C   1 
ATOM   467 O O   . LYS A  1 88  ? -4.694  3.681   2.021   1.00 21.88 ? 919  LYS A O   1 
ATOM   468 C CB  . LYS A  1 88  ? -2.853  4.167   4.474   1.00 25.14 ? 919  LYS A CB  1 
ATOM   469 C CG  . LYS A  1 88  ? -2.869  3.269   5.696   1.00 41.43 ? 919  LYS A CG  1 
ATOM   470 C CD  . LYS A  1 88  ? -3.055  4.083   6.980   1.00 45.50 ? 919  LYS A CD  1 
ATOM   471 N N   A LEU A  1 89  ? -3.987  1.557   2.418   0.50 19.24 ? 920  LEU A N   1 
ATOM   472 N N   B LEU A  1 89  ? -3.942  1.598   2.424   0.50 17.78 ? 920  LEU A N   1 
ATOM   473 C CA  A LEU A  1 89  ? -5.098  0.863   1.713   0.50 18.92 ? 920  LEU A CA  1 
ATOM   474 C CA  B LEU A  1 89  ? -5.098  1.006   1.791   0.50 16.86 ? 920  LEU A CA  1 
ATOM   475 C C   A LEU A  1 89  ? -6.460  0.834   2.457   0.50 23.42 ? 920  LEU A C   1 
ATOM   476 C C   B LEU A  1 89  ? -6.238  0.837   2.805   0.50 21.37 ? 920  LEU A C   1 
ATOM   477 O O   A LEU A  1 89  ? -6.923  -0.230  2.881   0.50 23.37 ? 920  LEU A O   1 
ATOM   478 O O   B LEU A  1 89  ? -6.052  0.948   4.019   0.50 18.56 ? 920  LEU A O   1 
ATOM   479 C CB  A LEU A  1 89  ? -4.676  -0.573  1.322   0.50 18.75 ? 920  LEU A CB  1 
ATOM   480 C CB  B LEU A  1 89  ? -4.698  -0.305  1.065   0.50 16.33 ? 920  LEU A CB  1 
ATOM   481 C CG  A LEU A  1 89  ? -3.519  -0.710  0.341   0.50 22.33 ? 920  LEU A CG  1 
ATOM   482 C CG  B LEU A  1 89  ? -3.727  -0.154  -0.140  0.50 17.37 ? 920  LEU A CG  1 
ATOM   483 C CD1 A LEU A  1 89  ? -3.160  -2.156  0.136   0.50 21.74 ? 920  LEU A CD1 1 
ATOM   484 C CD1 B LEU A  1 89  ? -3.134  -1.505  -0.563  0.50 16.53 ? 920  LEU A CD1 1 
ATOM   485 C CD2 A LEU A  1 89  ? -3.790  -0.037  -0.988  0.50 22.24 ? 920  LEU A CD2 1 
ATOM   486 C CD2 B LEU A  1 89  ? -4.379  0.565   -1.330  0.50 22.08 ? 920  LEU A CD2 1 
ATOM   487 N N   A THR A  1 90  ? -7.154  1.977   2.469   0.50 20.09 ? 921  THR A N   1 
ATOM   488 N N   B THR A  1 90  ? -7.440  0.691   2.296   0.50 21.24 ? 921  THR A N   1 
ATOM   489 C CA  A THR A  1 90  ? -8.428  2.191   3.166   0.50 20.28 ? 921  THR A CA  1 
ATOM   490 C CA  B THR A  1 90  ? -8.622  0.449   3.108   0.50 20.99 ? 921  THR A CA  1 
ATOM   491 C C   A THR A  1 90  ? -9.720  1.950   2.353   0.50 22.19 ? 921  THR A C   1 
ATOM   492 C C   B THR A  1 90  ? -9.354  -0.684  2.401   0.50 24.44 ? 921  THR A C   1 
ATOM   493 O O   A THR A  1 90  ? -10.793 1.867   2.964   0.50 23.16 ? 921  THR A O   1 
ATOM   494 O O   B THR A  1 90  ? -9.137  -0.884  1.200   0.50 22.23 ? 921  THR A O   1 
ATOM   495 C CB  A THR A  1 90  ? -8.447  3.602   3.757   0.50 28.95 ? 921  THR A CB  1 
ATOM   496 C CB  B THR A  1 90  ? -9.526  1.698   3.145   0.50 29.82 ? 921  THR A CB  1 
ATOM   497 O OG1 A THR A  1 90  ? -8.028  4.521   2.745   0.50 28.06 ? 921  THR A OG1 1 
ATOM   498 O OG1 B THR A  1 90  ? -9.818  2.095   1.805   0.50 26.27 ? 921  THR A OG1 1 
ATOM   499 C CG2 A THR A  1 90  ? -7.543  3.731   4.983   0.50 30.50 ? 921  THR A CG2 1 
ATOM   500 C CG2 B THR A  1 90  ? -8.919  2.861   3.940   0.50 28.83 ? 921  THR A CG2 1 
ATOM   501 N N   A GLY A  1 91  ? -9.620  1.865   1.024   0.50 17.24 ? 922  GLY A N   1 
ATOM   502 N N   B GLY A  1 91  ? -10.233 -1.375  3.118   0.50 22.78 ? 922  GLY A N   1 
ATOM   503 C CA  A GLY A  1 91  ? -10.775 1.681   0.149   0.50 17.60 ? 922  GLY A CA  1 
ATOM   504 C CA  B GLY A  1 91  ? -11.039 -2.430  2.523   0.50 22.24 ? 922  GLY A CA  1 
ATOM   505 C C   A GLY A  1 91  ? -11.397 0.301   0.158   0.50 22.17 ? 922  GLY A C   1 
ATOM   506 C C   B GLY A  1 91  ? -12.248 -1.821  1.839   0.50 25.18 ? 922  GLY A C   1 
ATOM   507 O O   A GLY A  1 91  ? -10.703 -0.696  -0.029  0.50 22.77 ? 922  GLY A O   1 
ATOM   508 O O   B GLY A  1 91  ? -13.349 -1.858  2.386   0.50 25.79 ? 922  GLY A O   1 
ATOM   509 N N   A SER A  1 92  ? -12.715 0.245   0.390   0.50 19.37 ? 923  SER A N   1 
ATOM   510 N N   B SER A  1 92  ? -12.051 -1.249  0.639   0.50 21.01 ? 923  SER A N   1 
ATOM   511 C CA  A SER A  1 92  ? -13.479 -0.989  0.395   0.50 19.15 ? 923  SER A CA  1 
ATOM   512 C CA  B SER A  1 92  ? -13.129 -0.575  -0.083  0.50 20.63 ? 923  SER A CA  1 
ATOM   513 C C   A SER A  1 92  ? -13.825 -1.377  -1.026  0.50 22.09 ? 923  SER A C   1 
ATOM   514 C C   B SER A  1 92  ? -13.624 -1.343  -1.321  0.50 22.87 ? 923  SER A C   1 
ATOM   515 O O   A SER A  1 92  ? -14.033 -0.523  -1.895  0.50 20.12 ? 923  SER A O   1 
ATOM   516 O O   B SER A  1 92  ? -13.810 -0.694  -2.355  0.50 21.01 ? 923  SER A O   1 
ATOM   517 C CB  A SER A  1 92  ? -14.761 -0.846  1.217   0.50 23.49 ? 923  SER A CB  1 
ATOM   518 C CB  B SER A  1 92  ? -12.684 0.833   -0.482  0.50 24.67 ? 923  SER A CB  1 
ATOM   519 O OG  A SER A  1 92  ? -15.613 -1.965  1.015   0.50 28.04 ? 923  SER A OG  1 
ATOM   520 O OG  B SER A  1 92  ? -12.238 1.615   0.617   0.50 31.41 ? 923  SER A OG  1 
ATOM   521 N N   . ALA A  1 93  ? -13.900 -2.690  -1.241  1.00 19.96 ? 924  ALA A N   1 
ATOM   522 C CA  . ALA A  1 93  ? -14.323 -3.370  -2.471  1.00 18.77 ? 924  ALA A CA  1 
ATOM   523 C C   . ALA A  1 93  ? -15.692 -2.866  -2.937  1.00 20.36 ? 924  ALA A C   1 
ATOM   524 O O   . ALA A  1 93  ? -15.891 -2.764  -4.129  1.00 18.13 ? 924  ALA A O   1 
ATOM   525 C CB  . ALA A  1 93  ? -14.376 -4.878  -2.261  1.00 20.22 ? 924  ALA A CB  1 
ATOM   526 N N   . ALA A  1 94  ? -16.586 -2.464  -2.009  1.00 20.27 ? 925  ALA A N   1 
ATOM   527 C CA  . ALA A  1 94  ? -17.927 -1.960  -2.381  1.00 21.44 ? 925  ALA A CA  1 
ATOM   528 C C   . ALA A  1 94  ? -17.861 -0.739  -3.285  1.00 24.90 ? 925  ALA A C   1 
ATOM   529 O O   . ALA A  1 94  ? -18.647 -0.643  -4.222  1.00 25.71 ? 925  ALA A O   1 
ATOM   530 C CB  . ALA A  1 94  ? -18.733 -1.645  -1.134  1.00 23.15 ? 925  ALA A CB  1 
ATOM   531 N N   . ALA A  1 95  ? -16.907 0.169   -3.053  1.00 20.66 ? 926  ALA A N   1 
ATOM   532 C CA  . ALA A  1 95  ? -16.728 1.339   -3.898  1.00 21.70 ? 926  ALA A CA  1 
ATOM   533 C C   . ALA A  1 95  ? -16.158 1.001   -5.280  1.00 19.80 ? 926  ALA A C   1 
ATOM   534 O O   . ALA A  1 95  ? -16.184 1.857   -6.168  1.00 18.72 ? 926  ALA A O   1 
ATOM   535 C CB  . ALA A  1 95  ? -15.818 2.335   -3.196  1.00 24.04 ? 926  ALA A CB  1 
ATOM   536 N N   . LEU A  1 96  ? -15.621 -0.244  -5.460  1.00 17.66 ? 927  LEU A N   1 
ATOM   537 C CA  . LEU A  1 96  ? -14.977 -0.655  -6.721  1.00 16.51 ? 927  LEU A CA  1 
ATOM   538 C C   . LEU A  1 96  ? -15.895 -1.340  -7.687  1.00 14.86 ? 927  LEU A C   1 
ATOM   539 O O   . LEU A  1 96  ? -15.486 -1.580  -8.837  1.00 15.35 ? 927  LEU A O   1 
ATOM   540 C CB  . LEU A  1 96  ? -13.807 -1.614  -6.454  1.00 15.78 ? 927  LEU A CB  1 
ATOM   541 C CG  . LEU A  1 96  ? -12.795 -1.142  -5.432  1.00 18.17 ? 927  LEU A CG  1 
ATOM   542 C CD1 . LEU A  1 96  ? -11.784 -2.200  -5.176  1.00 17.23 ? 927  LEU A CD1 1 
ATOM   543 C CD2 . LEU A  1 96  ? -12.114 0.121   -5.862  1.00 18.01 ? 927  LEU A CD2 1 
ATOM   544 N N   . ARG A  1 97  ? -17.127 -1.686  -7.261  1.00 14.96 ? 928  ARG A N   1 
ATOM   545 C CA  . ARG A  1 97  ? -18.077 -2.429  -8.119  1.00 15.20 ? 928  ARG A CA  1 
ATOM   546 C C   . ARG A  1 97  ? -18.796 -1.508  -9.115  1.00 17.97 ? 928  ARG A C   1 
ATOM   547 O O   . ARG A  1 97  ? -20.035 -1.352  -9.098  1.00 17.86 ? 928  ARG A O   1 
ATOM   548 C CB  . ARG A  1 97  ? -19.048 -3.269  -7.283  1.00 13.87 ? 928  ARG A CB  1 
ATOM   549 C CG  . ARG A  1 97  ? -18.376 -4.353  -6.445  1.00 14.85 ? 928  ARG A CG  1 
ATOM   550 C CD  . ARG A  1 97  ? -19.437 -5.262  -5.804  1.00 14.89 ? 928  ARG A CD  1 
ATOM   551 N NE  . ARG A  1 97  ? -18.810 -6.460  -5.235  1.00 15.66 ? 928  ARG A NE  1 
ATOM   552 C CZ  . ARG A  1 97  ? -18.428 -6.586  -3.963  1.00 22.05 ? 928  ARG A CZ  1 
ATOM   553 N NH1 . ARG A  1 97  ? -18.675 -5.618  -3.088  1.00 20.65 ? 928  ARG A NH1 1 
ATOM   554 N NH2 . ARG A  1 97  ? -17.800 -7.683  -3.557  1.00 20.15 ? 928  ARG A NH2 1 
ATOM   555 N N   . THR A  1 98  ? -18.025 -0.915  -10.015 1.00 16.68 ? 929  THR A N   1 
ATOM   556 C CA  . THR A  1 98  ? -18.478 0.097   -10.964 1.00 17.76 ? 929  THR A CA  1 
ATOM   557 C C   . THR A  1 98  ? -17.820 -0.049  -12.297 1.00 22.16 ? 929  THR A C   1 
ATOM   558 O O   . THR A  1 98  ? -16.743 -0.678  -12.418 1.00 20.58 ? 929  THR A O   1 
ATOM   559 C CB  . THR A  1 98  ? -18.132 1.548   -10.467 1.00 24.13 ? 929  THR A CB  1 
ATOM   560 O OG1 . THR A  1 98  ? -16.721 1.772   -10.546 1.00 27.16 ? 929  THR A OG1 1 
ATOM   561 C CG2 . THR A  1 98  ? -18.583 1.836   -9.074  1.00 23.49 ? 929  THR A CG2 1 
ATOM   562 N N   . GLY A  1 99  ? -18.409 0.610   -13.286 1.00 20.61 ? 930  GLY A N   1 
ATOM   563 C CA  . GLY A  1 99  ? -17.867 0.664   -14.632 1.00 20.91 ? 930  GLY A CA  1 
ATOM   564 C C   . GLY A  1 99  ? -18.277 -0.493  -15.511 1.00 23.06 ? 930  GLY A C   1 
ATOM   565 O O   . GLY A  1 99  ? -18.553 -1.587  -15.024 1.00 20.51 ? 930  GLY A O   1 
ATOM   566 N N   . GLU A  1 100 ? -18.327 -0.258  -16.813 1.00 21.75 ? 931  GLU A N   1 
ATOM   567 C CA  . GLU A  1 100 ? -18.761 -1.257  -17.782 1.00 20.34 ? 931  GLU A CA  1 
ATOM   568 C C   . GLU A  1 100 ? -17.939 -2.556  -17.762 1.00 21.63 ? 931  GLU A C   1 
ATOM   569 O O   . GLU A  1 100 ? -18.554 -3.606  -17.901 1.00 20.57 ? 931  GLU A O   1 
ATOM   570 C CB  A GLU A  1 100 ? -18.826 -0.661  -19.205 0.50 21.68 ? 931  GLU A CB  1 
ATOM   571 C CG  A GLU A  1 100 ? -17.537 -0.058  -19.721 0.50 30.58 ? 931  GLU A CG  1 
ATOM   572 C CD  A GLU A  1 100 ? -17.757 0.823   -20.930 0.50 47.91 ? 931  GLU A CD  1 
ATOM   573 O OE1 A GLU A  1 100 ? -17.566 2.056   -20.815 0.50 42.17 ? 931  GLU A OE1 1 
ATOM   574 O OE2 A GLU A  1 100 ? -18.191 0.287   -21.973 0.50 35.17 ? 931  GLU A OE2 1 
ATOM   575 N N   . ALA A  1 101 ? -16.589 -2.503  -17.612 1.00 20.71 ? 932  ALA A N   1 
ATOM   576 C CA  . ALA A  1 101 ? -15.786 -3.744  -17.631 1.00 20.40 ? 932  ALA A CA  1 
ATOM   577 C C   . ALA A  1 101 ? -16.172 -4.669  -16.470 1.00 18.89 ? 932  ALA A C   1 
ATOM   578 O O   . ALA A  1 101 ? -16.430 -5.859  -16.686 1.00 18.79 ? 932  ALA A O   1 
ATOM   579 C CB  . ALA A  1 101 ? -14.301 -3.419  -17.579 1.00 21.50 ? 932  ALA A CB  1 
ATOM   580 N N   . TYR A  1 102 ? -16.296 -4.104  -15.264 1.00 15.61 ? 933  TYR A N   1 
ATOM   581 C CA  . TYR A  1 102 ? -16.696 -4.860  -14.077 1.00 14.60 ? 933  TYR A CA  1 
ATOM   582 C C   . TYR A  1 102 ? -18.147 -5.412  -14.270 1.00 14.97 ? 933  TYR A C   1 
ATOM   583 O O   . TYR A  1 102 ? -18.429 -6.591  -14.083 1.00 14.89 ? 933  TYR A O   1 
ATOM   584 C CB  . TYR A  1 102 ? -16.613 -3.989  -12.809 1.00 15.40 ? 933  TYR A CB  1 
ATOM   585 C CG  . TYR A  1 102 ? -17.257 -4.701  -11.629 1.00 14.97 ? 933  TYR A CG  1 
ATOM   586 C CD1 . TYR A  1 102 ? -16.533 -5.610  -10.860 1.00 15.07 ? 933  TYR A CD1 1 
ATOM   587 C CD2 . TYR A  1 102 ? -18.625 -4.567  -11.365 1.00 15.21 ? 933  TYR A CD2 1 
ATOM   588 C CE1 . TYR A  1 102 ? -17.145 -6.349  -9.843  1.00 13.90 ? 933  TYR A CE1 1 
ATOM   589 C CE2 . TYR A  1 102 ? -19.251 -5.330  -10.390 1.00 15.11 ? 933  TYR A CE2 1 
ATOM   590 C CZ  . TYR A  1 102 ? -18.513 -6.235  -9.642  1.00 15.40 ? 933  TYR A CZ  1 
ATOM   591 O OH  . TYR A  1 102 ? -19.149 -6.962  -8.660  1.00 16.09 ? 933  TYR A OH  1 
ATOM   592 N N   . LEU A  1 103 ? -19.104 -4.529  -14.659 1.00 14.95 ? 934  LEU A N   1 
ATOM   593 C CA  . LEU A  1 103 ? -20.505 -4.948  -14.788 1.00 15.92 ? 934  LEU A CA  1 
ATOM   594 C C   . LEU A  1 103 ? -20.692 -6.000  -15.874 1.00 17.32 ? 934  LEU A C   1 
ATOM   595 O O   . LEU A  1 103 ? -21.504 -6.906  -15.693 1.00 17.42 ? 934  LEU A O   1 
ATOM   596 C CB  . LEU A  1 103 ? -21.394 -3.732  -15.033 1.00 17.01 ? 934  LEU A CB  1 
ATOM   597 C CG  . LEU A  1 103 ? -21.431 -2.699  -13.886 1.00 19.84 ? 934  LEU A CG  1 
ATOM   598 C CD1 . LEU A  1 103 ? -22.134 -1.399  -14.354 1.00 19.56 ? 934  LEU A CD1 1 
ATOM   599 C CD2 . LEU A  1 103 ? -22.064 -3.264  -12.655 1.00 21.36 ? 934  LEU A CD2 1 
ATOM   600 N N   . ARG A  1 104 ? -19.920 -5.906  -16.968 1.00 17.21 ? 935  ARG A N   1 
ATOM   601 C CA  A ARG A  1 104 ? -19.935 -6.907  -18.043 0.50 17.25 ? 935  ARG A CA  1 
ATOM   602 C CA  B ARG A  1 104 ? -19.961 -6.915  -18.027 0.50 17.20 ? 935  ARG A CA  1 
ATOM   603 C C   . ARG A  1 104 ? -19.393 -8.232  -17.502 1.00 18.92 ? 935  ARG A C   1 
ATOM   604 O O   . ARG A  1 104 ? -19.993 -9.296  -17.728 1.00 18.64 ? 935  ARG A O   1 
ATOM   605 C CB  A ARG A  1 104 ? -19.089 -6.441  -19.244 0.50 18.79 ? 935  ARG A CB  1 
ATOM   606 C CB  B ARG A  1 104 ? -19.208 -6.439  -19.278 0.50 18.42 ? 935  ARG A CB  1 
ATOM   607 C CG  A ARG A  1 104 ? -19.223 -7.337  -20.475 0.50 27.59 ? 935  ARG A CG  1 
ATOM   608 C CG  B ARG A  1 104 ? -19.995 -5.422  -20.093 0.50 22.84 ? 935  ARG A CG  1 
ATOM   609 N N   . TYR A  1 105 ? -18.268 -8.187  -16.759 1.00 16.42 ? 936  TYR A N   1 
ATOM   610 C CA  . TYR A  1 105 ? -17.689 -9.411  -16.237 1.00 15.56 ? 936  TYR A CA  1 
ATOM   611 C C   . TYR A  1 105 ? -18.655 -10.203 -15.371 1.00 16.80 ? 936  TYR A C   1 
ATOM   612 O O   . TYR A  1 105 ? -18.701 -11.426 -15.458 1.00 17.09 ? 936  TYR A O   1 
ATOM   613 C CB  . TYR A  1 105 ? -16.368 -9.114  -15.478 1.00 15.44 ? 936  TYR A CB  1 
ATOM   614 C CG  . TYR A  1 105 ? -15.582 -10.391 -15.254 1.00 15.02 ? 936  TYR A CG  1 
ATOM   615 C CD1 . TYR A  1 105 ? -15.825 -11.202 -14.147 1.00 15.60 ? 936  TYR A CD1 1 
ATOM   616 C CD2 . TYR A  1 105 ? -14.607 -10.805 -16.159 1.00 16.79 ? 936  TYR A CD2 1 
ATOM   617 C CE1 . TYR A  1 105 ? -15.139 -12.395 -13.951 1.00 14.87 ? 936  TYR A CE1 1 
ATOM   618 C CE2 . TYR A  1 105 ? -13.913 -11.998 -15.976 1.00 16.60 ? 936  TYR A CE2 1 
ATOM   619 C CZ  . TYR A  1 105 ? -14.192 -12.799 -14.874 1.00 16.80 ? 936  TYR A CZ  1 
ATOM   620 O OH  . TYR A  1 105 ? -13.543 -13.990 -14.634 1.00 17.01 ? 936  TYR A OH  1 
ATOM   621 N N   . VAL A  1 106 ? -19.382 -9.492  -14.484 1.00 15.20 ? 937  VAL A N   1 
ATOM   622 C CA  . VAL A  1 106 ? -20.264 -10.189 -13.545 1.00 15.41 ? 937  VAL A CA  1 
ATOM   623 C C   . VAL A  1 106 ? -21.674 -10.402 -14.078 1.00 20.72 ? 937  VAL A C   1 
ATOM   624 O O   . VAL A  1 106 ? -22.548 -10.813 -13.315 1.00 21.28 ? 937  VAL A O   1 
ATOM   625 C CB  . VAL A  1 106 ? -20.267 -9.498  -12.164 1.00 17.09 ? 937  VAL A CB  1 
ATOM   626 C CG1 . VAL A  1 106 ? -18.848 -9.438  -11.579 1.00 16.28 ? 937  VAL A CG1 1 
ATOM   627 C CG2 . VAL A  1 106 ? -20.906 -8.104  -12.235 1.00 16.42 ? 937  VAL A CG2 1 
ATOM   628 N N   . ASP A  1 107 ? -21.897 -10.136 -15.384 1.00 18.65 ? 938  ASP A N   1 
ATOM   629 C CA  . ASP A  1 107 ? -23.202 -10.377 -16.031 1.00 19.44 ? 938  ASP A CA  1 
ATOM   630 C C   . ASP A  1 107 ? -24.342 -9.582  -15.401 1.00 24.18 ? 938  ASP A C   1 
ATOM   631 O O   . ASP A  1 107 ? -25.475 -10.074 -15.326 1.00 24.05 ? 938  ASP A O   1 
ATOM   632 C CB  . ASP A  1 107 ? -23.547 -11.884 -15.988 1.00 21.25 ? 938  ASP A CB  1 
ATOM   633 C CG  . ASP A  1 107 ? -22.501 -12.778 -16.607 1.00 26.83 ? 938  ASP A CG  1 
ATOM   634 O OD1 . ASP A  1 107 ? -22.257 -12.643 -17.811 1.00 30.01 ? 938  ASP A OD1 1 
ATOM   635 O OD2 . ASP A  1 107 ? -21.931 -13.606 -15.878 1.00 28.05 ? 938  ASP A OD2 1 
ATOM   636 N N   . ALA A  1 108 ? -24.063 -8.352  -14.975 1.00 21.39 ? 939  ALA A N   1 
ATOM   637 C CA  . ALA A  1 108 ? -25.047 -7.480  -14.327 1.00 22.01 ? 939  ALA A CA  1 
ATOM   638 C C   A ALA A  1 108 ? -26.241 -7.058  -15.202 0.50 25.99 ? 939  ALA A C   1 
ATOM   639 O O   A ALA A  1 108 ? -27.339 -6.878  -14.662 0.50 24.48 ? 939  ALA A O   1 
ATOM   640 C CB  . ALA A  1 108 ? -24.364 -6.271  -13.742 1.00 22.64 ? 939  ALA A CB  1 
ATOM   641 N N   A ALA A  1 109 ? -26.061 -6.980  -16.533 0.50 23.81 ? 940  ALA A N   1 
ATOM   642 C CA  A ALA A  1 109 ? -27.134 -6.608  -17.466 0.50 23.87 ? 940  ALA A CA  1 
ATOM   643 C C   A ALA A  1 109 ? -27.757 -7.819  -18.211 0.50 28.31 ? 940  ALA A C   1 
ATOM   644 O O   A ALA A  1 109 ? -28.497 -7.631  -19.184 0.50 28.27 ? 940  ALA A O   1 
ATOM   645 C CB  A ALA A  1 109 ? -26.628 -5.567  -18.453 0.50 24.73 ? 940  ALA A CB  1 
ATOM   646 N N   A ALA A  1 110 ? -27.496 -9.055  -17.730 0.50 24.31 ? 941  ALA A N   1 
ATOM   647 C CA  A ALA A  1 110 ? -28.057 -10.273 -18.332 0.50 25.19 ? 941  ALA A CA  1 
ATOM   648 C C   A ALA A  1 110 ? -29.551 -10.498 -18.018 0.50 26.39 ? 941  ALA A C   1 
ATOM   649 O O   A ALA A  1 110 ? -30.232 -11.177 -18.821 0.50 25.66 ? 941  ALA A O   1 
ATOM   650 C CB  A ALA A  1 110 ? -27.238 -11.490 -17.930 0.50 25.75 ? 941  ALA A CB  1 
ATOM   651 O OXT A ALA A  1 110 ? -30.047 -9.991  -16.990 0.50 28.30 ? 941  ALA A OXT 1 
HETATM 652 X UNK . UNX B  2 .   ? 16.393  7.644   -1.753  1.00 27.02 ? 1001 UNX A UNK 1 
HETATM 653 X UNK . UNX C  2 .   ? 17.403  10.279  -2.201  1.00 31.50 ? 1002 UNX A UNK 1 
HETATM 654 X UNK . UNX D  2 .   ? 1.649   -6.026  -4.618  1.00 30.75 ? 1003 UNX A UNK 1 
HETATM 655 X UNK . UNX E  2 .   ? 5.294   -5.923  -2.937  1.00 29.89 ? 1004 UNX A UNK 1 
HETATM 656 X UNK . UNX F  2 .   ? 8.635   6.562   -9.096  1.00 30.43 ? 1005 UNX A UNK 1 
HETATM 657 X UNK . UNX G  2 .   ? 0.737   8.207   3.175   1.00 19.87 ? 1006 UNX A UNK 1 
HETATM 658 X UNK . UNX H  2 .   ? 6.514   14.199  4.890   1.00 22.58 ? 1007 UNX A UNK 1 
HETATM 659 X UNK . UNX I  2 .   ? 6.195   15.853  2.659   1.00 37.53 ? 1008 UNX A UNK 1 
HETATM 660 X UNK . UNX J  2 .   ? 4.510   13.176  -8.893  1.00 31.35 ? 1009 UNX A UNK 1 
HETATM 661 X UNK . UNX K  2 .   ? 2.403   14.604  -7.666  1.00 20.24 ? 1010 UNX A UNK 1 
HETATM 662 X UNK . UNX L  2 .   ? -17.373 -13.138 -17.181 1.00 24.79 ? 1011 UNX A UNK 1 
HETATM 663 X UNK . UNX M  2 .   ? 14.090  0.646   -5.119  1.00 36.22 ? 1012 UNX A UNK 1 
HETATM 664 X UNK . UNX N  2 .   ? 10.597  2.665   16.464  0.70 32.70 ? 1013 UNX A UNK 1 
HETATM 665 X UNK . UNX O  2 .   ? 10.964  7.516   16.873  1.00 28.82 ? 1014 UNX A UNK 1 
HETATM 666 X UNK . UNX P  2 .   ? 12.306  -0.744  15.926  1.00 44.65 ? 1015 UNX A UNK 1 
HETATM 667 X UNK . UNX Q  2 .   ? -15.180 -7.276  -18.699 1.00 26.15 ? 1016 UNX A UNK 1 
HETATM 668 X UNK . UNX R  2 .   ? -16.496 -9.667  -19.633 1.00 35.04 ? 1017 UNX A UNK 1 
HETATM 669 X UNK . UNX S  2 .   ? 21.869  2.860   -2.128  1.00 34.36 ? 1018 UNX A UNK 1 
HETATM 670 X UNK . UNX T  2 .   ? 17.677  -1.695  -0.221  1.00 26.25 ? 1019 UNX A UNK 1 
HETATM 671 X UNK . UNX U  2 .   ? 17.964  -1.483  2.564   1.00 21.50 ? 1020 UNX A UNK 1 
HETATM 672 X UNK . UNX V  2 .   ? 14.732  -3.110  1.156   1.00 23.53 ? 1021 UNX A UNK 1 
HETATM 673 X UNK . UNX W  2 .   ? 12.477  -4.805  1.147   1.00 29.19 ? 1022 UNX A UNK 1 
HETATM 674 X UNK . UNX X  2 .   ? -17.125 2.521   -17.665 1.00 33.96 ? 1023 UNX A UNK 1 
HETATM 675 X UNK . UNX Y  2 .   ? -21.901 -7.276  -8.167  1.00 22.92 ? 1024 UNX A UNK 1 
HETATM 676 X UNK . UNX Z  2 .   ? 6.989   11.671  4.012   1.00 12.13 ? 1025 UNX A UNK 1 
HETATM 677 X UNK . UNX AA 2 .   ? 14.434  7.212   -3.836  1.00 19.59 ? 1026 UNX A UNK 1 
HETATM 678 X UNK . UNX BA 2 .   ? 8.490   1.809   -11.007 1.00 30.92 ? 1027 UNX A UNK 1 
HETATM 679 O O   . HOH CA 3 .   ? -0.525  7.039   5.262   1.00 32.74 ? 1101 HOH A O   1 
HETATM 680 O O   . HOH CA 3 .   ? -6.936  6.714   -3.306  1.00 23.56 ? 1102 HOH A O   1 
HETATM 681 O O   . HOH CA 3 .   ? 22.994  4.753   8.218   1.00 27.46 ? 1103 HOH A O   1 
HETATM 682 O O   . HOH CA 3 .   ? 13.689  12.792  12.604  1.00 21.32 ? 1104 HOH A O   1 
HETATM 683 O O   . HOH CA 3 .   ? -21.254 -1.218  -4.179  1.00 24.09 ? 1105 HOH A O   1 
HETATM 684 O O   . HOH CA 3 .   ? -15.158 2.688   -8.583  0.70 24.63 ? 1106 HOH A O   1 
HETATM 685 O O   . HOH CA 3 .   ? 12.713  9.431   -4.670  1.00 29.23 ? 1107 HOH A O   1 
HETATM 686 O O   . HOH CA 3 .   ? 20.429  -3.062  9.511   1.00 41.24 ? 1108 HOH A O   1 
HETATM 687 O O   . HOH CA 3 .   ? 11.258  8.110   -6.572  1.00 32.80 ? 1109 HOH A O   1 
HETATM 688 O O   . HOH CA 3 .   ? 21.312  1.218   8.343   1.00 28.67 ? 1110 HOH A O   1 
HETATM 689 O O   . HOH CA 3 .   ? 5.504   -2.877  -8.371  1.00 35.93 ? 1111 HOH A O   1 
HETATM 690 O O   . HOH CA 3 .   ? -1.889  -6.978  7.825   1.00 30.82 ? 1112 HOH A O   1 
HETATM 691 O O   . HOH CA 3 .   ? 19.166  0.613   -2.341  1.00 36.90 ? 1113 HOH A O   1 
HETATM 692 O O   A HOH CA 3 .   ? -8.086  -1.531  -0.383  0.50 21.89 ? 1114 HOH A O   1 
HETATM 693 O O   B HOH CA 3 .   ? -9.626  -1.194  -1.542  0.50 20.84 ? 1114 HOH A O   1 
HETATM 694 O O   . HOH CA 3 .   ? 1.225   9.271   -0.538  1.00 22.77 ? 1115 HOH A O   1 
HETATM 695 O O   . HOH CA 3 .   ? 12.205  13.540  9.218   1.00 20.13 ? 1116 HOH A O   1 
HETATM 696 O O   . HOH CA 3 .   ? 0.377   -7.909  10.866  1.00 33.81 ? 1117 HOH A O   1 
HETATM 697 O O   B HOH CA 3 .   ? -7.768  1.340   -0.546  0.50 26.21 ? 1118 HOH A O   1 
HETATM 698 O O   . HOH CA 3 .   ? 17.295  -0.116  -4.158  1.00 38.23 ? 1119 HOH A O   1 
HETATM 699 O O   . HOH CA 3 .   ? -21.161 -3.796  -3.205  1.00 23.53 ? 1120 HOH A O   1 
HETATM 700 O O   . HOH CA 3 .   ? 6.687   -7.874  3.643   1.00 33.63 ? 1121 HOH A O   1 
# 
loop_
_pdbx_poly_seq_scheme.asym_id 
_pdbx_poly_seq_scheme.entity_id 
_pdbx_poly_seq_scheme.seq_id 
_pdbx_poly_seq_scheme.mon_id 
_pdbx_poly_seq_scheme.ndb_seq_num 
_pdbx_poly_seq_scheme.pdb_seq_num 
_pdbx_poly_seq_scheme.auth_seq_num 
_pdbx_poly_seq_scheme.pdb_mon_id 
_pdbx_poly_seq_scheme.auth_mon_id 
_pdbx_poly_seq_scheme.pdb_strand_id 
_pdbx_poly_seq_scheme.pdb_ins_code 
_pdbx_poly_seq_scheme.hetero 
A 1 1   MET 1   832 ?   ?   ?   A . n 
A 1 2   LYS 2   833 ?   ?   ?   A . n 
A 1 3   ILE 3   834 ?   ?   ?   A . n 
A 1 4   GLU 4   835 ?   ?   ?   A . n 
A 1 5   GLU 5   836 ?   ?   ?   A . n 
A 1 6   HIS 6   837 ?   ?   ?   A . n 
A 1 7   HIS 7   838 ?   ?   ?   A . n 
A 1 8   HIS 8   839 ?   ?   ?   A . n 
A 1 9   HIS 9   840 ?   ?   ?   A . n 
A 1 10  HIS 10  841 ?   ?   ?   A . n 
A 1 11  HIS 11  842 ?   ?   ?   A . n 
A 1 12  SER 12  843 ?   ?   ?   A . n 
A 1 13  SER 13  844 ?   ?   ?   A . n 
A 1 14  GLY 14  845 ?   ?   ?   A . n 
A 1 15  ARG 15  846 ?   ?   ?   A . n 
A 1 16  GLU 16  847 ?   ?   ?   A . n 
A 1 17  ASN 17  848 ?   ?   ?   A . n 
A 1 18  LEU 18  849 ?   ?   ?   A . n 
A 1 19  TYR 19  850 ?   ?   ?   A . n 
A 1 20  PHE 20  851 ?   ?   ?   A . n 
A 1 21  GLN 21  852 ?   ?   ?   A . n 
A 1 22  GLY 22  853 ?   ?   ?   A . n 
A 1 23  GLY 23  854 ?   ?   ?   A . n 
A 1 24  ALA 24  855 ?   ?   ?   A . n 
A 1 25  ALA 25  856 ?   ?   ?   A . n 
A 1 26  GLN 26  857 ?   ?   ?   A . n 
A 1 27  PRO 27  858 ?   ?   ?   A . n 
A 1 28  ALA 28  859 ?   ?   ?   A . n 
A 1 29  MET 29  860 ?   ?   ?   A . n 
A 1 30  ALA 30  861 ?   ?   ?   A . n 
A 1 31  GLN 31  862 862 GLN GLN A . n 
A 1 32  GLY 32  863 863 GLY GLY A . n 
A 1 33  ALA 33  864 864 ALA ALA A . n 
A 1 34  LEU 34  865 865 LEU LEU A . n 
A 1 35  LEU 35  866 866 LEU LEU A . n 
A 1 36  PRO 36  867 867 PRO PRO A . n 
A 1 37  ALA 37  868 868 ALA ALA A . n 
A 1 38  LYS 38  869 869 LYS LYS A . n 
A 1 39  ALA 39  870 870 ALA ALA A . n 
A 1 40  VAL 40  871 871 VAL VAL A . n 
A 1 41  TYR 41  872 872 TYR TYR A . n 
A 1 42  ASP 42  873 873 ASP ASP A . n 
A 1 43  PHE 43  874 874 PHE PHE A . n 
A 1 44  LYS 44  875 875 LYS LYS A . n 
A 1 45  ALA 45  876 876 ALA ALA A . n 
A 1 46  GLN 46  877 877 GLN GLN A . n 
A 1 47  THR 47  878 878 THR THR A . n 
A 1 48  SER 48  879 879 SER SER A . n 
A 1 49  LYS 49  880 880 LYS LYS A . n 
A 1 50  GLU 50  881 881 GLU GLU A . n 
A 1 51  LEU 51  882 882 LEU LEU A . n 
A 1 52  SER 52  883 883 SER SER A . n 
A 1 53  PHE 53  884 884 PHE PHE A . n 
A 1 54  LYS 54  885 885 LYS LYS A . n 
A 1 55  LYS 55  886 886 LYS LYS A . n 
A 1 56  GLY 56  887 887 GLY GLY A . n 
A 1 57  ASP 57  888 888 ASP ASP A . n 
A 1 58  THR 58  889 889 THR THR A . n 
A 1 59  VAL 59  890 890 VAL VAL A . n 
A 1 60  TYR 60  891 891 TYR TYR A . n 
A 1 61  ILE 61  892 892 ILE ILE A . n 
A 1 62  LEU 62  893 893 LEU LEU A . n 
A 1 63  ARG 63  894 894 ARG ARG A . n 
A 1 64  LYS 64  895 895 LYS LYS A . n 
A 1 65  ILE 65  896 896 ILE ILE A . n 
A 1 66  ASP 66  897 897 ASP ASP A . n 
A 1 67  GLN 67  898 898 GLN GLN A . n 
A 1 68  ASN 68  899 899 ASN ASN A . n 
A 1 69  TRP 69  900 900 TRP TRP A . n 
A 1 70  TYR 70  901 901 TYR TYR A . n 
A 1 71  GLU 71  902 902 GLU GLU A . n 
A 1 72  GLY 72  903 903 GLY GLY A . n 
A 1 73  GLU 73  904 904 GLU GLU A . n 
A 1 74  HIS 74  905 905 HIS HIS A . n 
A 1 75  HIS 75  906 906 HIS HIS A . n 
A 1 76  GLY 76  907 907 GLY GLY A . n 
A 1 77  ARG 77  908 908 ARG ARG A . n 
A 1 78  VAL 78  909 909 VAL VAL A . n 
A 1 79  GLY 79  910 910 GLY GLY A . n 
A 1 80  ILE 80  911 911 ILE ILE A . n 
A 1 81  PHE 81  912 912 PHE PHE A . n 
A 1 82  PRO 82  913 913 PRO PRO A . n 
A 1 83  ILE 83  914 914 ILE ILE A . n 
A 1 84  SER 84  915 915 SER SER A . n 
A 1 85  TYR 85  916 916 TYR TYR A . n 
A 1 86  VAL 86  917 917 VAL VAL A . n 
A 1 87  GLU 87  918 918 GLU GLU A . n 
A 1 88  LYS 88  919 919 LYS LYS A . n 
A 1 89  LEU 89  920 920 LEU LEU A . n 
A 1 90  THR 90  921 921 THR THR A . n 
A 1 91  GLY 91  922 922 GLY GLY A . n 
A 1 92  SER 92  923 923 SER SER A . n 
A 1 93  ALA 93  924 924 ALA ALA A . n 
A 1 94  ALA 94  925 925 ALA ALA A . n 
A 1 95  ALA 95  926 926 ALA ALA A . n 
A 1 96  LEU 96  927 927 LEU LEU A . n 
A 1 97  ARG 97  928 928 ARG ARG A . n 
A 1 98  THR 98  929 929 THR THR A . n 
A 1 99  GLY 99  930 930 GLY GLY A . n 
A 1 100 GLU 100 931 931 GLU GLU A . n 
A 1 101 ALA 101 932 932 ALA ALA A . n 
A 1 102 TYR 102 933 933 TYR TYR A . n 
A 1 103 LEU 103 934 934 LEU LEU A . n 
A 1 104 ARG 104 935 935 ARG ARG A . n 
A 1 105 TYR 105 936 936 TYR TYR A . n 
A 1 106 VAL 106 937 937 VAL VAL A . n 
A 1 107 ASP 107 938 938 ASP ASP A . n 
A 1 108 ALA 108 939 939 ALA ALA A . n 
A 1 109 ALA 109 940 940 ALA ALA A . n 
A 1 110 ALA 110 941 941 ALA ALA A . n 
# 
_pdbx_SG_project.id                    1 
_pdbx_SG_project.project_name          ? 
_pdbx_SG_project.full_name_of_center   'Structural Genomics Consortium' 
_pdbx_SG_project.initial_of_center     SGC 
# 
loop_
_pdbx_nonpoly_scheme.asym_id 
_pdbx_nonpoly_scheme.entity_id 
_pdbx_nonpoly_scheme.mon_id 
_pdbx_nonpoly_scheme.ndb_seq_num 
_pdbx_nonpoly_scheme.pdb_seq_num 
_pdbx_nonpoly_scheme.auth_seq_num 
_pdbx_nonpoly_scheme.pdb_mon_id 
_pdbx_nonpoly_scheme.auth_mon_id 
_pdbx_nonpoly_scheme.pdb_strand_id 
_pdbx_nonpoly_scheme.pdb_ins_code 
B  2 UNX 1  1001 1001 UNX UNX A . 
C  2 UNX 1  1002 1002 UNX UNX A . 
D  2 UNX 1  1003 1003 UNX UNX A . 
E  2 UNX 1  1004 1    UNX UNX A . 
F  2 UNX 1  1005 2    UNX UNX A . 
G  2 UNX 1  1006 3    UNX UNX A . 
H  2 UNX 1  1007 4    UNX UNX A . 
I  2 UNX 1  1008 5    UNX UNX A . 
J  2 UNX 1  1009 6    UNX UNX A . 
K  2 UNX 1  1010 7    UNX UNX A . 
L  2 UNX 1  1011 8    UNX UNX A . 
M  2 UNX 1  1012 9    UNX UNX A . 
N  2 UNX 1  1013 10   UNX UNX A . 
O  2 UNX 1  1014 11   UNX UNX A . 
P  2 UNX 1  1015 12   UNX UNX A . 
Q  2 UNX 1  1016 13   UNX UNX A . 
R  2 UNX 1  1017 14   UNX UNX A . 
S  2 UNX 1  1018 15   UNX UNX A . 
T  2 UNX 1  1019 16   UNX UNX A . 
U  2 UNX 1  1020 17   UNX UNX A . 
V  2 UNX 1  1021 18   UNX UNX A . 
W  2 UNX 1  1022 19   UNX UNX A . 
X  2 UNX 1  1023 20   UNX UNX A . 
Y  2 UNX 1  1024 21   UNX UNX A . 
Z  2 UNX 1  1025 22   UNX UNX A . 
AA 2 UNX 1  1026 23   UNX UNX A . 
BA 2 UNX 1  1027 24   UNX UNX A . 
CA 3 HOH 1  1101 1115 HOH HOH A . 
CA 3 HOH 2  1102 1113 HOH HOH A . 
CA 3 HOH 3  1103 1125 HOH HOH A . 
CA 3 HOH 4  1104 1103 HOH HOH A . 
CA 3 HOH 5  1105 1127 HOH HOH A . 
CA 3 HOH 6  1106 4    HOH HOH A . 
CA 3 HOH 7  1107 1120 HOH HOH A . 
CA 3 HOH 8  1108 1114 HOH HOH A . 
CA 3 HOH 9  1109 1109 HOH HOH A . 
CA 3 HOH 10 1110 1143 HOH HOH A . 
CA 3 HOH 11 1111 1152 HOH HOH A . 
CA 3 HOH 12 1112 1133 HOH HOH A . 
CA 3 HOH 13 1113 1148 HOH HOH A . 
CA 3 HOH 14 1114 2    HOH HOH A . 
CA 3 HOH 15 1115 1107 HOH HOH A . 
CA 3 HOH 16 1116 1112 HOH HOH A . 
CA 3 HOH 17 1117 1142 HOH HOH A . 
CA 3 HOH 18 1118 3    HOH HOH A . 
CA 3 HOH 19 1119 1150 HOH HOH A . 
CA 3 HOH 20 1120 1126 HOH HOH A . 
CA 3 HOH 21 1121 1149 HOH HOH A . 
# 
_pdbx_struct_assembly.id                   1 
_pdbx_struct_assembly.details              author_and_software_defined_assembly 
_pdbx_struct_assembly.method_details       PISA 
_pdbx_struct_assembly.oligomeric_details   monomeric 
_pdbx_struct_assembly.oligomeric_count     1 
# 
_pdbx_struct_assembly_gen.assembly_id       1 
_pdbx_struct_assembly_gen.oper_expression   1 
_pdbx_struct_assembly_gen.asym_id_list      A,B,C,D,E,F,G,H,I,J,K,L,M,N,O,P,Q,R,S,T,U,V,W,X,Y,Z,AA,BA,CA 
# 
loop_
_pdbx_struct_assembly_prop.biol_id 
_pdbx_struct_assembly_prop.type 
_pdbx_struct_assembly_prop.value 
_pdbx_struct_assembly_prop.details 
1 'ABSA (A^2)' 0    ? 
1 MORE         0    ? 
1 'SSA (A^2)'  6290 ? 
# 
_pdbx_struct_oper_list.id                   1 
_pdbx_struct_oper_list.type                 'identity operation' 
_pdbx_struct_oper_list.name                 1_555 
_pdbx_struct_oper_list.symmetry_operation   x,y,z 
_pdbx_struct_oper_list.matrix[1][1]         1.0000000000 
_pdbx_struct_oper_list.matrix[1][2]         0.0000000000 
_pdbx_struct_oper_list.matrix[1][3]         0.0000000000 
_pdbx_struct_oper_list.vector[1]            0.0000000000 
_pdbx_struct_oper_list.matrix[2][1]         0.0000000000 
_pdbx_struct_oper_list.matrix[2][2]         1.0000000000 
_pdbx_struct_oper_list.matrix[2][3]         0.0000000000 
_pdbx_struct_oper_list.vector[2]            0.0000000000 
_pdbx_struct_oper_list.matrix[3][1]         0.0000000000 
_pdbx_struct_oper_list.matrix[3][2]         0.0000000000 
_pdbx_struct_oper_list.matrix[3][3]         1.0000000000 
_pdbx_struct_oper_list.vector[3]            0.0000000000 
# 
loop_
_pdbx_audit_revision_history.ordinal 
_pdbx_audit_revision_history.data_content_type 
_pdbx_audit_revision_history.major_revision 
_pdbx_audit_revision_history.minor_revision 
_pdbx_audit_revision_history.revision_date 
1 'Structure model' 1 0 2017-08-02 
2 'Structure model' 1 1 2023-10-04 
# 
_pdbx_audit_revision_details.ordinal             1 
_pdbx_audit_revision_details.revision_ordinal    1 
_pdbx_audit_revision_details.data_content_type   'Structure model' 
_pdbx_audit_revision_details.provider            repository 
_pdbx_audit_revision_details.type                'Initial release' 
_pdbx_audit_revision_details.description         ? 
_pdbx_audit_revision_details.details             ? 
# 
loop_
_pdbx_audit_revision_group.ordinal 
_pdbx_audit_revision_group.revision_ordinal 
_pdbx_audit_revision_group.data_content_type 
_pdbx_audit_revision_group.group 
1 2 'Structure model' 'Data collection'        
2 2 'Structure model' 'Database references'    
3 2 'Structure model' 'Refinement description' 
# 
loop_
_pdbx_audit_revision_category.ordinal 
_pdbx_audit_revision_category.revision_ordinal 
_pdbx_audit_revision_category.data_content_type 
_pdbx_audit_revision_category.category 
1 2 'Structure model' chem_comp_atom                
2 2 'Structure model' chem_comp_bond                
3 2 'Structure model' database_2                    
4 2 'Structure model' pdbx_initial_refinement_model 
# 
loop_
_pdbx_audit_revision_item.ordinal 
_pdbx_audit_revision_item.revision_ordinal 
_pdbx_audit_revision_item.data_content_type 
_pdbx_audit_revision_item.item 
1 2 'Structure model' '_database_2.pdbx_DOI'                
2 2 'Structure model' '_database_2.pdbx_database_accession' 
# 
loop_
_software.citation_id 
_software.classification 
_software.compiler_name 
_software.compiler_version 
_software.contact_author 
_software.contact_author_email 
_software.date 
_software.description 
_software.dependencies 
_software.hardware 
_software.language 
_software.location 
_software.mods 
_software.name 
_software.os 
_software.os_version 
_software.type 
_software.version 
_software.pdbx_ordinal 
? refinement        ? ? ? ? ? ? ? ? ? ? ? BUSTER      ? ? ? 2.10.2 1 
? 'data scaling'    ? ? ? ? ? ? ? ? ? ? ? Aimless     ? ? ? 0.5.31 2 
? 'data extraction' ? ? ? ? ? ? ? ? ? ? ? PDB_EXTRACT ? ? ? 3.22   3 
? 'data reduction'  ? ? ? ? ? ? ? ? ? ? ? XDS         ? ? ? .      4 
? phasing           ? ? ? ? ? ? ? ? ? ? ? PHASER      ? ? ? .      5 
# 
loop_
_pdbx_validate_torsion.id 
_pdbx_validate_torsion.PDB_model_num 
_pdbx_validate_torsion.auth_comp_id 
_pdbx_validate_torsion.auth_asym_id 
_pdbx_validate_torsion.auth_seq_id 
_pdbx_validate_torsion.PDB_ins_code 
_pdbx_validate_torsion.label_alt_id 
_pdbx_validate_torsion.phi 
_pdbx_validate_torsion.psi 
1 1 ASP A 897 ? ? -161.81 -168.90 
2 1 SER A 923 ? B -108.40 47.12   
# 
loop_
_pdbx_unobs_or_zero_occ_atoms.id 
_pdbx_unobs_or_zero_occ_atoms.PDB_model_num 
_pdbx_unobs_or_zero_occ_atoms.polymer_flag 
_pdbx_unobs_or_zero_occ_atoms.occupancy_flag 
_pdbx_unobs_or_zero_occ_atoms.auth_asym_id 
_pdbx_unobs_or_zero_occ_atoms.auth_comp_id 
_pdbx_unobs_or_zero_occ_atoms.auth_seq_id 
_pdbx_unobs_or_zero_occ_atoms.PDB_ins_code 
_pdbx_unobs_or_zero_occ_atoms.auth_atom_id 
_pdbx_unobs_or_zero_occ_atoms.label_alt_id 
_pdbx_unobs_or_zero_occ_atoms.label_asym_id 
_pdbx_unobs_or_zero_occ_atoms.label_comp_id 
_pdbx_unobs_or_zero_occ_atoms.label_seq_id 
_pdbx_unobs_or_zero_occ_atoms.label_atom_id 
1  1 Y 1 A GLN 862 ? N   ? A GLN 31  N   
2  1 Y 1 A GLN 862 ? CB  ? A GLN 31  CB  
3  1 Y 1 A GLN 862 ? CG  ? A GLN 31  CG  
4  1 Y 1 A GLN 862 ? CD  ? A GLN 31  CD  
5  1 Y 1 A GLN 862 ? OE1 ? A GLN 31  OE1 
6  1 Y 1 A GLN 862 ? NE2 ? A GLN 31  NE2 
7  1 Y 1 A LYS 869 ? NZ  ? A LYS 38  NZ  
8  1 Y 1 A LYS 875 ? CD  ? A LYS 44  CD  
9  1 Y 1 A LYS 875 ? CE  ? A LYS 44  CE  
10 1 Y 1 A LYS 875 ? NZ  ? A LYS 44  NZ  
11 1 Y 1 A LYS 885 ? CE  ? A LYS 54  CE  
12 1 Y 1 A LYS 885 ? NZ  ? A LYS 54  NZ  
13 1 Y 1 A LYS 886 ? NZ  ? A LYS 55  NZ  
14 1 Y 1 A GLN 898 ? CD  ? A GLN 67  CD  
15 1 Y 1 A GLN 898 ? OE1 ? A GLN 67  OE1 
16 1 Y 1 A GLN 898 ? NE2 ? A GLN 67  NE2 
17 1 Y 1 A LYS 919 ? CE  ? A LYS 88  CE  
18 1 Y 1 A LYS 919 ? NZ  ? A LYS 88  NZ  
19 1 Y 1 A ARG 935 ? CD  ? A ARG 104 CD  
20 1 Y 1 A ARG 935 ? NE  ? A ARG 104 NE  
21 1 Y 1 A ARG 935 ? CZ  ? A ARG 104 CZ  
22 1 Y 1 A ARG 935 ? NH1 ? A ARG 104 NH1 
23 1 Y 1 A ARG 935 ? NH2 ? A ARG 104 NH2 
# 
loop_
_pdbx_unobs_or_zero_occ_residues.id 
_pdbx_unobs_or_zero_occ_residues.PDB_model_num 
_pdbx_unobs_or_zero_occ_residues.polymer_flag 
_pdbx_unobs_or_zero_occ_residues.occupancy_flag 
_pdbx_unobs_or_zero_occ_residues.auth_asym_id 
_pdbx_unobs_or_zero_occ_residues.auth_comp_id 
_pdbx_unobs_or_zero_occ_residues.auth_seq_id 
_pdbx_unobs_or_zero_occ_residues.PDB_ins_code 
_pdbx_unobs_or_zero_occ_residues.label_asym_id 
_pdbx_unobs_or_zero_occ_residues.label_comp_id 
_pdbx_unobs_or_zero_occ_residues.label_seq_id 
1  1 Y 1 A MET 832 ? A MET 1  
2  1 Y 1 A LYS 833 ? A LYS 2  
3  1 Y 1 A ILE 834 ? A ILE 3  
4  1 Y 1 A GLU 835 ? A GLU 4  
5  1 Y 1 A GLU 836 ? A GLU 5  
6  1 Y 1 A HIS 837 ? A HIS 6  
7  1 Y 1 A HIS 838 ? A HIS 7  
8  1 Y 1 A HIS 839 ? A HIS 8  
9  1 Y 1 A HIS 840 ? A HIS 9  
10 1 Y 1 A HIS 841 ? A HIS 10 
11 1 Y 1 A HIS 842 ? A HIS 11 
12 1 Y 1 A SER 843 ? A SER 12 
13 1 Y 1 A SER 844 ? A SER 13 
14 1 Y 1 A GLY 845 ? A GLY 14 
15 1 Y 1 A ARG 846 ? A ARG 15 
16 1 Y 1 A GLU 847 ? A GLU 16 
17 1 Y 1 A ASN 848 ? A ASN 17 
18 1 Y 1 A LEU 849 ? A LEU 18 
19 1 Y 1 A TYR 850 ? A TYR 19 
20 1 Y 1 A PHE 851 ? A PHE 20 
21 1 Y 1 A GLN 852 ? A GLN 21 
22 1 Y 1 A GLY 853 ? A GLY 22 
23 1 Y 1 A GLY 854 ? A GLY 23 
24 1 Y 1 A ALA 855 ? A ALA 24 
25 1 Y 1 A ALA 856 ? A ALA 25 
26 1 Y 1 A GLN 857 ? A GLN 26 
27 1 Y 1 A PRO 858 ? A PRO 27 
28 1 Y 1 A ALA 859 ? A ALA 28 
29 1 Y 1 A MET 860 ? A MET 29 
30 1 Y 1 A ALA 861 ? A ALA 30 
# 
loop_
_chem_comp_atom.comp_id 
_chem_comp_atom.atom_id 
_chem_comp_atom.type_symbol 
_chem_comp_atom.pdbx_aromatic_flag 
_chem_comp_atom.pdbx_stereo_config 
_chem_comp_atom.pdbx_ordinal 
ALA N    N N N 1   
ALA CA   C N S 2   
ALA C    C N N 3   
ALA O    O N N 4   
ALA CB   C N N 5   
ALA OXT  O N N 6   
ALA H    H N N 7   
ALA H2   H N N 8   
ALA HA   H N N 9   
ALA HB1  H N N 10  
ALA HB2  H N N 11  
ALA HB3  H N N 12  
ALA HXT  H N N 13  
ARG N    N N N 14  
ARG CA   C N S 15  
ARG C    C N N 16  
ARG O    O N N 17  
ARG CB   C N N 18  
ARG CG   C N N 19  
ARG CD   C N N 20  
ARG NE   N N N 21  
ARG CZ   C N N 22  
ARG NH1  N N N 23  
ARG NH2  N N N 24  
ARG OXT  O N N 25  
ARG H    H N N 26  
ARG H2   H N N 27  
ARG HA   H N N 28  
ARG HB2  H N N 29  
ARG HB3  H N N 30  
ARG HG2  H N N 31  
ARG HG3  H N N 32  
ARG HD2  H N N 33  
ARG HD3  H N N 34  
ARG HE   H N N 35  
ARG HH11 H N N 36  
ARG HH12 H N N 37  
ARG HH21 H N N 38  
ARG HH22 H N N 39  
ARG HXT  H N N 40  
ASN N    N N N 41  
ASN CA   C N S 42  
ASN C    C N N 43  
ASN O    O N N 44  
ASN CB   C N N 45  
ASN CG   C N N 46  
ASN OD1  O N N 47  
ASN ND2  N N N 48  
ASN OXT  O N N 49  
ASN H    H N N 50  
ASN H2   H N N 51  
ASN HA   H N N 52  
ASN HB2  H N N 53  
ASN HB3  H N N 54  
ASN HD21 H N N 55  
ASN HD22 H N N 56  
ASN HXT  H N N 57  
ASP N    N N N 58  
ASP CA   C N S 59  
ASP C    C N N 60  
ASP O    O N N 61  
ASP CB   C N N 62  
ASP CG   C N N 63  
ASP OD1  O N N 64  
ASP OD2  O N N 65  
ASP OXT  O N N 66  
ASP H    H N N 67  
ASP H2   H N N 68  
ASP HA   H N N 69  
ASP HB2  H N N 70  
ASP HB3  H N N 71  
ASP HD2  H N N 72  
ASP HXT  H N N 73  
GLN N    N N N 74  
GLN CA   C N S 75  
GLN C    C N N 76  
GLN O    O N N 77  
GLN CB   C N N 78  
GLN CG   C N N 79  
GLN CD   C N N 80  
GLN OE1  O N N 81  
GLN NE2  N N N 82  
GLN OXT  O N N 83  
GLN H    H N N 84  
GLN H2   H N N 85  
GLN HA   H N N 86  
GLN HB2  H N N 87  
GLN HB3  H N N 88  
GLN HG2  H N N 89  
GLN HG3  H N N 90  
GLN HE21 H N N 91  
GLN HE22 H N N 92  
GLN HXT  H N N 93  
GLU N    N N N 94  
GLU CA   C N S 95  
GLU C    C N N 96  
GLU O    O N N 97  
GLU CB   C N N 98  
GLU CG   C N N 99  
GLU CD   C N N 100 
GLU OE1  O N N 101 
GLU OE2  O N N 102 
GLU OXT  O N N 103 
GLU H    H N N 104 
GLU H2   H N N 105 
GLU HA   H N N 106 
GLU HB2  H N N 107 
GLU HB3  H N N 108 
GLU HG2  H N N 109 
GLU HG3  H N N 110 
GLU HE2  H N N 111 
GLU HXT  H N N 112 
GLY N    N N N 113 
GLY CA   C N N 114 
GLY C    C N N 115 
GLY O    O N N 116 
GLY OXT  O N N 117 
GLY H    H N N 118 
GLY H2   H N N 119 
GLY HA2  H N N 120 
GLY HA3  H N N 121 
GLY HXT  H N N 122 
HIS N    N N N 123 
HIS CA   C N S 124 
HIS C    C N N 125 
HIS O    O N N 126 
HIS CB   C N N 127 
HIS CG   C Y N 128 
HIS ND1  N Y N 129 
HIS CD2  C Y N 130 
HIS CE1  C Y N 131 
HIS NE2  N Y N 132 
HIS OXT  O N N 133 
HIS H    H N N 134 
HIS H2   H N N 135 
HIS HA   H N N 136 
HIS HB2  H N N 137 
HIS HB3  H N N 138 
HIS HD1  H N N 139 
HIS HD2  H N N 140 
HIS HE1  H N N 141 
HIS HE2  H N N 142 
HIS HXT  H N N 143 
HOH O    O N N 144 
HOH H1   H N N 145 
HOH H2   H N N 146 
ILE N    N N N 147 
ILE CA   C N S 148 
ILE C    C N N 149 
ILE O    O N N 150 
ILE CB   C N S 151 
ILE CG1  C N N 152 
ILE CG2  C N N 153 
ILE CD1  C N N 154 
ILE OXT  O N N 155 
ILE H    H N N 156 
ILE H2   H N N 157 
ILE HA   H N N 158 
ILE HB   H N N 159 
ILE HG12 H N N 160 
ILE HG13 H N N 161 
ILE HG21 H N N 162 
ILE HG22 H N N 163 
ILE HG23 H N N 164 
ILE HD11 H N N 165 
ILE HD12 H N N 166 
ILE HD13 H N N 167 
ILE HXT  H N N 168 
LEU N    N N N 169 
LEU CA   C N S 170 
LEU C    C N N 171 
LEU O    O N N 172 
LEU CB   C N N 173 
LEU CG   C N N 174 
LEU CD1  C N N 175 
LEU CD2  C N N 176 
LEU OXT  O N N 177 
LEU H    H N N 178 
LEU H2   H N N 179 
LEU HA   H N N 180 
LEU HB2  H N N 181 
LEU HB3  H N N 182 
LEU HG   H N N 183 
LEU HD11 H N N 184 
LEU HD12 H N N 185 
LEU HD13 H N N 186 
LEU HD21 H N N 187 
LEU HD22 H N N 188 
LEU HD23 H N N 189 
LEU HXT  H N N 190 
LYS N    N N N 191 
LYS CA   C N S 192 
LYS C    C N N 193 
LYS O    O N N 194 
LYS CB   C N N 195 
LYS CG   C N N 196 
LYS CD   C N N 197 
LYS CE   C N N 198 
LYS NZ   N N N 199 
LYS OXT  O N N 200 
LYS H    H N N 201 
LYS H2   H N N 202 
LYS HA   H N N 203 
LYS HB2  H N N 204 
LYS HB3  H N N 205 
LYS HG2  H N N 206 
LYS HG3  H N N 207 
LYS HD2  H N N 208 
LYS HD3  H N N 209 
LYS HE2  H N N 210 
LYS HE3  H N N 211 
LYS HZ1  H N N 212 
LYS HZ2  H N N 213 
LYS HZ3  H N N 214 
LYS HXT  H N N 215 
MET N    N N N 216 
MET CA   C N S 217 
MET C    C N N 218 
MET O    O N N 219 
MET CB   C N N 220 
MET CG   C N N 221 
MET SD   S N N 222 
MET CE   C N N 223 
MET OXT  O N N 224 
MET H    H N N 225 
MET H2   H N N 226 
MET HA   H N N 227 
MET HB2  H N N 228 
MET HB3  H N N 229 
MET HG2  H N N 230 
MET HG3  H N N 231 
MET HE1  H N N 232 
MET HE2  H N N 233 
MET HE3  H N N 234 
MET HXT  H N N 235 
PHE N    N N N 236 
PHE CA   C N S 237 
PHE C    C N N 238 
PHE O    O N N 239 
PHE CB   C N N 240 
PHE CG   C Y N 241 
PHE CD1  C Y N 242 
PHE CD2  C Y N 243 
PHE CE1  C Y N 244 
PHE CE2  C Y N 245 
PHE CZ   C Y N 246 
PHE OXT  O N N 247 
PHE H    H N N 248 
PHE H2   H N N 249 
PHE HA   H N N 250 
PHE HB2  H N N 251 
PHE HB3  H N N 252 
PHE HD1  H N N 253 
PHE HD2  H N N 254 
PHE HE1  H N N 255 
PHE HE2  H N N 256 
PHE HZ   H N N 257 
PHE HXT  H N N 258 
PRO N    N N N 259 
PRO CA   C N S 260 
PRO C    C N N 261 
PRO O    O N N 262 
PRO CB   C N N 263 
PRO CG   C N N 264 
PRO CD   C N N 265 
PRO OXT  O N N 266 
PRO H    H N N 267 
PRO HA   H N N 268 
PRO HB2  H N N 269 
PRO HB3  H N N 270 
PRO HG2  H N N 271 
PRO HG3  H N N 272 
PRO HD2  H N N 273 
PRO HD3  H N N 274 
PRO HXT  H N N 275 
SER N    N N N 276 
SER CA   C N S 277 
SER C    C N N 278 
SER O    O N N 279 
SER CB   C N N 280 
SER OG   O N N 281 
SER OXT  O N N 282 
SER H    H N N 283 
SER H2   H N N 284 
SER HA   H N N 285 
SER HB2  H N N 286 
SER HB3  H N N 287 
SER HG   H N N 288 
SER HXT  H N N 289 
THR N    N N N 290 
THR CA   C N S 291 
THR C    C N N 292 
THR O    O N N 293 
THR CB   C N R 294 
THR OG1  O N N 295 
THR CG2  C N N 296 
THR OXT  O N N 297 
THR H    H N N 298 
THR H2   H N N 299 
THR HA   H N N 300 
THR HB   H N N 301 
THR HG1  H N N 302 
THR HG21 H N N 303 
THR HG22 H N N 304 
THR HG23 H N N 305 
THR HXT  H N N 306 
TRP N    N N N 307 
TRP CA   C N S 308 
TRP C    C N N 309 
TRP O    O N N 310 
TRP CB   C N N 311 
TRP CG   C Y N 312 
TRP CD1  C Y N 313 
TRP CD2  C Y N 314 
TRP NE1  N Y N 315 
TRP CE2  C Y N 316 
TRP CE3  C Y N 317 
TRP CZ2  C Y N 318 
TRP CZ3  C Y N 319 
TRP CH2  C Y N 320 
TRP OXT  O N N 321 
TRP H    H N N 322 
TRP H2   H N N 323 
TRP HA   H N N 324 
TRP HB2  H N N 325 
TRP HB3  H N N 326 
TRP HD1  H N N 327 
TRP HE1  H N N 328 
TRP HE3  H N N 329 
TRP HZ2  H N N 330 
TRP HZ3  H N N 331 
TRP HH2  H N N 332 
TRP HXT  H N N 333 
TYR N    N N N 334 
TYR CA   C N S 335 
TYR C    C N N 336 
TYR O    O N N 337 
TYR CB   C N N 338 
TYR CG   C Y N 339 
TYR CD1  C Y N 340 
TYR CD2  C Y N 341 
TYR CE1  C Y N 342 
TYR CE2  C Y N 343 
TYR CZ   C Y N 344 
TYR OH   O N N 345 
TYR OXT  O N N 346 
TYR H    H N N 347 
TYR H2   H N N 348 
TYR HA   H N N 349 
TYR HB2  H N N 350 
TYR HB3  H N N 351 
TYR HD1  H N N 352 
TYR HD2  H N N 353 
TYR HE1  H N N 354 
TYR HE2  H N N 355 
TYR HH   H N N 356 
TYR HXT  H N N 357 
VAL N    N N N 358 
VAL CA   C N S 359 
VAL C    C N N 360 
VAL O    O N N 361 
VAL CB   C N N 362 
VAL CG1  C N N 363 
VAL CG2  C N N 364 
VAL OXT  O N N 365 
VAL H    H N N 366 
VAL H2   H N N 367 
VAL HA   H N N 368 
VAL HB   H N N 369 
VAL HG11 H N N 370 
VAL HG12 H N N 371 
VAL HG13 H N N 372 
VAL HG21 H N N 373 
VAL HG22 H N N 374 
VAL HG23 H N N 375 
VAL HXT  H N N 376 
# 
loop_
_chem_comp_bond.comp_id 
_chem_comp_bond.atom_id_1 
_chem_comp_bond.atom_id_2 
_chem_comp_bond.value_order 
_chem_comp_bond.pdbx_aromatic_flag 
_chem_comp_bond.pdbx_stereo_config 
_chem_comp_bond.pdbx_ordinal 
ALA N   CA   sing N N 1   
ALA N   H    sing N N 2   
ALA N   H2   sing N N 3   
ALA CA  C    sing N N 4   
ALA CA  CB   sing N N 5   
ALA CA  HA   sing N N 6   
ALA C   O    doub N N 7   
ALA C   OXT  sing N N 8   
ALA CB  HB1  sing N N 9   
ALA CB  HB2  sing N N 10  
ALA CB  HB3  sing N N 11  
ALA OXT HXT  sing N N 12  
ARG N   CA   sing N N 13  
ARG N   H    sing N N 14  
ARG N   H2   sing N N 15  
ARG CA  C    sing N N 16  
ARG CA  CB   sing N N 17  
ARG CA  HA   sing N N 18  
ARG C   O    doub N N 19  
ARG C   OXT  sing N N 20  
ARG CB  CG   sing N N 21  
ARG CB  HB2  sing N N 22  
ARG CB  HB3  sing N N 23  
ARG CG  CD   sing N N 24  
ARG CG  HG2  sing N N 25  
ARG CG  HG3  sing N N 26  
ARG CD  NE   sing N N 27  
ARG CD  HD2  sing N N 28  
ARG CD  HD3  sing N N 29  
ARG NE  CZ   sing N N 30  
ARG NE  HE   sing N N 31  
ARG CZ  NH1  sing N N 32  
ARG CZ  NH2  doub N N 33  
ARG NH1 HH11 sing N N 34  
ARG NH1 HH12 sing N N 35  
ARG NH2 HH21 sing N N 36  
ARG NH2 HH22 sing N N 37  
ARG OXT HXT  sing N N 38  
ASN N   CA   sing N N 39  
ASN N   H    sing N N 40  
ASN N   H2   sing N N 41  
ASN CA  C    sing N N 42  
ASN CA  CB   sing N N 43  
ASN CA  HA   sing N N 44  
ASN C   O    doub N N 45  
ASN C   OXT  sing N N 46  
ASN CB  CG   sing N N 47  
ASN CB  HB2  sing N N 48  
ASN CB  HB3  sing N N 49  
ASN CG  OD1  doub N N 50  
ASN CG  ND2  sing N N 51  
ASN ND2 HD21 sing N N 52  
ASN ND2 HD22 sing N N 53  
ASN OXT HXT  sing N N 54  
ASP N   CA   sing N N 55  
ASP N   H    sing N N 56  
ASP N   H2   sing N N 57  
ASP CA  C    sing N N 58  
ASP CA  CB   sing N N 59  
ASP CA  HA   sing N N 60  
ASP C   O    doub N N 61  
ASP C   OXT  sing N N 62  
ASP CB  CG   sing N N 63  
ASP CB  HB2  sing N N 64  
ASP CB  HB3  sing N N 65  
ASP CG  OD1  doub N N 66  
ASP CG  OD2  sing N N 67  
ASP OD2 HD2  sing N N 68  
ASP OXT HXT  sing N N 69  
GLN N   CA   sing N N 70  
GLN N   H    sing N N 71  
GLN N   H2   sing N N 72  
GLN CA  C    sing N N 73  
GLN CA  CB   sing N N 74  
GLN CA  HA   sing N N 75  
GLN C   O    doub N N 76  
GLN C   OXT  sing N N 77  
GLN CB  CG   sing N N 78  
GLN CB  HB2  sing N N 79  
GLN CB  HB3  sing N N 80  
GLN CG  CD   sing N N 81  
GLN CG  HG2  sing N N 82  
GLN CG  HG3  sing N N 83  
GLN CD  OE1  doub N N 84  
GLN CD  NE2  sing N N 85  
GLN NE2 HE21 sing N N 86  
GLN NE2 HE22 sing N N 87  
GLN OXT HXT  sing N N 88  
GLU N   CA   sing N N 89  
GLU N   H    sing N N 90  
GLU N   H2   sing N N 91  
GLU CA  C    sing N N 92  
GLU CA  CB   sing N N 93  
GLU CA  HA   sing N N 94  
GLU C   O    doub N N 95  
GLU C   OXT  sing N N 96  
GLU CB  CG   sing N N 97  
GLU CB  HB2  sing N N 98  
GLU CB  HB3  sing N N 99  
GLU CG  CD   sing N N 100 
GLU CG  HG2  sing N N 101 
GLU CG  HG3  sing N N 102 
GLU CD  OE1  doub N N 103 
GLU CD  OE2  sing N N 104 
GLU OE2 HE2  sing N N 105 
GLU OXT HXT  sing N N 106 
GLY N   CA   sing N N 107 
GLY N   H    sing N N 108 
GLY N   H2   sing N N 109 
GLY CA  C    sing N N 110 
GLY CA  HA2  sing N N 111 
GLY CA  HA3  sing N N 112 
GLY C   O    doub N N 113 
GLY C   OXT  sing N N 114 
GLY OXT HXT  sing N N 115 
HIS N   CA   sing N N 116 
HIS N   H    sing N N 117 
HIS N   H2   sing N N 118 
HIS CA  C    sing N N 119 
HIS CA  CB   sing N N 120 
HIS CA  HA   sing N N 121 
HIS C   O    doub N N 122 
HIS C   OXT  sing N N 123 
HIS CB  CG   sing N N 124 
HIS CB  HB2  sing N N 125 
HIS CB  HB3  sing N N 126 
HIS CG  ND1  sing Y N 127 
HIS CG  CD2  doub Y N 128 
HIS ND1 CE1  doub Y N 129 
HIS ND1 HD1  sing N N 130 
HIS CD2 NE2  sing Y N 131 
HIS CD2 HD2  sing N N 132 
HIS CE1 NE2  sing Y N 133 
HIS CE1 HE1  sing N N 134 
HIS NE2 HE2  sing N N 135 
HIS OXT HXT  sing N N 136 
HOH O   H1   sing N N 137 
HOH O   H2   sing N N 138 
ILE N   CA   sing N N 139 
ILE N   H    sing N N 140 
ILE N   H2   sing N N 141 
ILE CA  C    sing N N 142 
ILE CA  CB   sing N N 143 
ILE CA  HA   sing N N 144 
ILE C   O    doub N N 145 
ILE C   OXT  sing N N 146 
ILE CB  CG1  sing N N 147 
ILE CB  CG2  sing N N 148 
ILE CB  HB   sing N N 149 
ILE CG1 CD1  sing N N 150 
ILE CG1 HG12 sing N N 151 
ILE CG1 HG13 sing N N 152 
ILE CG2 HG21 sing N N 153 
ILE CG2 HG22 sing N N 154 
ILE CG2 HG23 sing N N 155 
ILE CD1 HD11 sing N N 156 
ILE CD1 HD12 sing N N 157 
ILE CD1 HD13 sing N N 158 
ILE OXT HXT  sing N N 159 
LEU N   CA   sing N N 160 
LEU N   H    sing N N 161 
LEU N   H2   sing N N 162 
LEU CA  C    sing N N 163 
LEU CA  CB   sing N N 164 
LEU CA  HA   sing N N 165 
LEU C   O    doub N N 166 
LEU C   OXT  sing N N 167 
LEU CB  CG   sing N N 168 
LEU CB  HB2  sing N N 169 
LEU CB  HB3  sing N N 170 
LEU CG  CD1  sing N N 171 
LEU CG  CD2  sing N N 172 
LEU CG  HG   sing N N 173 
LEU CD1 HD11 sing N N 174 
LEU CD1 HD12 sing N N 175 
LEU CD1 HD13 sing N N 176 
LEU CD2 HD21 sing N N 177 
LEU CD2 HD22 sing N N 178 
LEU CD2 HD23 sing N N 179 
LEU OXT HXT  sing N N 180 
LYS N   CA   sing N N 181 
LYS N   H    sing N N 182 
LYS N   H2   sing N N 183 
LYS CA  C    sing N N 184 
LYS CA  CB   sing N N 185 
LYS CA  HA   sing N N 186 
LYS C   O    doub N N 187 
LYS C   OXT  sing N N 188 
LYS CB  CG   sing N N 189 
LYS CB  HB2  sing N N 190 
LYS CB  HB3  sing N N 191 
LYS CG  CD   sing N N 192 
LYS CG  HG2  sing N N 193 
LYS CG  HG3  sing N N 194 
LYS CD  CE   sing N N 195 
LYS CD  HD2  sing N N 196 
LYS CD  HD3  sing N N 197 
LYS CE  NZ   sing N N 198 
LYS CE  HE2  sing N N 199 
LYS CE  HE3  sing N N 200 
LYS NZ  HZ1  sing N N 201 
LYS NZ  HZ2  sing N N 202 
LYS NZ  HZ3  sing N N 203 
LYS OXT HXT  sing N N 204 
MET N   CA   sing N N 205 
MET N   H    sing N N 206 
MET N   H2   sing N N 207 
MET CA  C    sing N N 208 
MET CA  CB   sing N N 209 
MET CA  HA   sing N N 210 
MET C   O    doub N N 211 
MET C   OXT  sing N N 212 
MET CB  CG   sing N N 213 
MET CB  HB2  sing N N 214 
MET CB  HB3  sing N N 215 
MET CG  SD   sing N N 216 
MET CG  HG2  sing N N 217 
MET CG  HG3  sing N N 218 
MET SD  CE   sing N N 219 
MET CE  HE1  sing N N 220 
MET CE  HE2  sing N N 221 
MET CE  HE3  sing N N 222 
MET OXT HXT  sing N N 223 
PHE N   CA   sing N N 224 
PHE N   H    sing N N 225 
PHE N   H2   sing N N 226 
PHE CA  C    sing N N 227 
PHE CA  CB   sing N N 228 
PHE CA  HA   sing N N 229 
PHE C   O    doub N N 230 
PHE C   OXT  sing N N 231 
PHE CB  CG   sing N N 232 
PHE CB  HB2  sing N N 233 
PHE CB  HB3  sing N N 234 
PHE CG  CD1  doub Y N 235 
PHE CG  CD2  sing Y N 236 
PHE CD1 CE1  sing Y N 237 
PHE CD1 HD1  sing N N 238 
PHE CD2 CE2  doub Y N 239 
PHE CD2 HD2  sing N N 240 
PHE CE1 CZ   doub Y N 241 
PHE CE1 HE1  sing N N 242 
PHE CE2 CZ   sing Y N 243 
PHE CE2 HE2  sing N N 244 
PHE CZ  HZ   sing N N 245 
PHE OXT HXT  sing N N 246 
PRO N   CA   sing N N 247 
PRO N   CD   sing N N 248 
PRO N   H    sing N N 249 
PRO CA  C    sing N N 250 
PRO CA  CB   sing N N 251 
PRO CA  HA   sing N N 252 
PRO C   O    doub N N 253 
PRO C   OXT  sing N N 254 
PRO CB  CG   sing N N 255 
PRO CB  HB2  sing N N 256 
PRO CB  HB3  sing N N 257 
PRO CG  CD   sing N N 258 
PRO CG  HG2  sing N N 259 
PRO CG  HG3  sing N N 260 
PRO CD  HD2  sing N N 261 
PRO CD  HD3  sing N N 262 
PRO OXT HXT  sing N N 263 
SER N   CA   sing N N 264 
SER N   H    sing N N 265 
SER N   H2   sing N N 266 
SER CA  C    sing N N 267 
SER CA  CB   sing N N 268 
SER CA  HA   sing N N 269 
SER C   O    doub N N 270 
SER C   OXT  sing N N 271 
SER CB  OG   sing N N 272 
SER CB  HB2  sing N N 273 
SER CB  HB3  sing N N 274 
SER OG  HG   sing N N 275 
SER OXT HXT  sing N N 276 
THR N   CA   sing N N 277 
THR N   H    sing N N 278 
THR N   H2   sing N N 279 
THR CA  C    sing N N 280 
THR CA  CB   sing N N 281 
THR CA  HA   sing N N 282 
THR C   O    doub N N 283 
THR C   OXT  sing N N 284 
THR CB  OG1  sing N N 285 
THR CB  CG2  sing N N 286 
THR CB  HB   sing N N 287 
THR OG1 HG1  sing N N 288 
THR CG2 HG21 sing N N 289 
THR CG2 HG22 sing N N 290 
THR CG2 HG23 sing N N 291 
THR OXT HXT  sing N N 292 
TRP N   CA   sing N N 293 
TRP N   H    sing N N 294 
TRP N   H2   sing N N 295 
TRP CA  C    sing N N 296 
TRP CA  CB   sing N N 297 
TRP CA  HA   sing N N 298 
TRP C   O    doub N N 299 
TRP C   OXT  sing N N 300 
TRP CB  CG   sing N N 301 
TRP CB  HB2  sing N N 302 
TRP CB  HB3  sing N N 303 
TRP CG  CD1  doub Y N 304 
TRP CG  CD2  sing Y N 305 
TRP CD1 NE1  sing Y N 306 
TRP CD1 HD1  sing N N 307 
TRP CD2 CE2  doub Y N 308 
TRP CD2 CE3  sing Y N 309 
TRP NE1 CE2  sing Y N 310 
TRP NE1 HE1  sing N N 311 
TRP CE2 CZ2  sing Y N 312 
TRP CE3 CZ3  doub Y N 313 
TRP CE3 HE3  sing N N 314 
TRP CZ2 CH2  doub Y N 315 
TRP CZ2 HZ2  sing N N 316 
TRP CZ3 CH2  sing Y N 317 
TRP CZ3 HZ3  sing N N 318 
TRP CH2 HH2  sing N N 319 
TRP OXT HXT  sing N N 320 
TYR N   CA   sing N N 321 
TYR N   H    sing N N 322 
TYR N   H2   sing N N 323 
TYR CA  C    sing N N 324 
TYR CA  CB   sing N N 325 
TYR CA  HA   sing N N 326 
TYR C   O    doub N N 327 
TYR C   OXT  sing N N 328 
TYR CB  CG   sing N N 329 
TYR CB  HB2  sing N N 330 
TYR CB  HB3  sing N N 331 
TYR CG  CD1  doub Y N 332 
TYR CG  CD2  sing Y N 333 
TYR CD1 CE1  sing Y N 334 
TYR CD1 HD1  sing N N 335 
TYR CD2 CE2  doub Y N 336 
TYR CD2 HD2  sing N N 337 
TYR CE1 CZ   doub Y N 338 
TYR CE1 HE1  sing N N 339 
TYR CE2 CZ   sing Y N 340 
TYR CE2 HE2  sing N N 341 
TYR CZ  OH   sing N N 342 
TYR OH  HH   sing N N 343 
TYR OXT HXT  sing N N 344 
VAL N   CA   sing N N 345 
VAL N   H    sing N N 346 
VAL N   H2   sing N N 347 
VAL CA  C    sing N N 348 
VAL CA  CB   sing N N 349 
VAL CA  HA   sing N N 350 
VAL C   O    doub N N 351 
VAL C   OXT  sing N N 352 
VAL CB  CG1  sing N N 353 
VAL CB  CG2  sing N N 354 
VAL CB  HB   sing N N 355 
VAL CG1 HG11 sing N N 356 
VAL CG1 HG12 sing N N 357 
VAL CG1 HG13 sing N N 358 
VAL CG2 HG21 sing N N 359 
VAL CG2 HG22 sing N N 360 
VAL CG2 HG23 sing N N 361 
VAL OXT HXT  sing N N 362 
# 
loop_
_pdbx_entity_nonpoly.entity_id 
_pdbx_entity_nonpoly.name 
_pdbx_entity_nonpoly.comp_id 
2 'UNKNOWN ATOM OR ION' UNX 
3 water                 HOH 
# 
_pdbx_initial_refinement_model.id               1 
_pdbx_initial_refinement_model.entity_id_list   ? 
_pdbx_initial_refinement_model.type             'experimental model' 
_pdbx_initial_refinement_model.source_name      PDB 
_pdbx_initial_refinement_model.accession_code   3C0C 
_pdbx_initial_refinement_model.details          'PDB entry 3C0C' 
# 
_pdbx_struct_assembly_auth_evidence.id                     1 
_pdbx_struct_assembly_auth_evidence.assembly_id            1 
_pdbx_struct_assembly_auth_evidence.experimental_support   none 
_pdbx_struct_assembly_auth_evidence.details                ? 
# 
